data_8WDZ
#
_entry.id   8WDZ
#
_cell.length_a   1.00
_cell.length_b   1.00
_cell.length_c   1.00
_cell.angle_alpha   90.00
_cell.angle_beta   90.00
_cell.angle_gamma   90.00
#
_symmetry.space_group_name_H-M   'P 1'
#
loop_
_entity.id
_entity.type
_entity.pdbx_description
1 polymer 'Angiotensin-converting enzyme 2'
2 polymer 'Spike protein S1'
3 branched 2-acetamido-2-deoxy-beta-D-glucopyranose-(1-4)-2-acetamido-2-deoxy-beta-D-glucopyranose
4 branched 2-acetamido-2-deoxy-beta-D-glucopyranose-(1-4)-[alpha-L-fucopyranose-(1-6)]2-acetamido-2-deoxy-beta-D-glucopyranose
5 non-polymer 2-acetamido-2-deoxy-beta-D-glucopyranose
6 non-polymer 'ZINC ION'
#
loop_
_entity_poly.entity_id
_entity_poly.type
_entity_poly.pdbx_seq_one_letter_code
_entity_poly.pdbx_strand_id
1 'polypeptide(L)'
;MSSSSWLLLSLVAVTAAQSTIEEQAKTFLDKFNHEAEDLFYQSSLASWNYNTNITEENVQNMNNAGDKWSAFLKEQSTLA
QMYPLQEIQNLTVKLQLQALQQNGSSVLSEDKSKRLNTILNTMSTIYSTGKVCNPDNPQECLLLEPGLNEIMANSLDYNE
RLWAWESWRSEVGKQLRPLYEEYVVLKNEMARANHYEDYGDYWRGDYEVNGVDGYDYSRGQLIEDVEHTFEEIKPLYEHL
HAYVRAKLMNAYPSYISPIGCLPAHLLGDMWGRFWTNLYSLTVPFGQKPNIDVTDAMVDQAWDAQRIFKEAEKFFVSVGL
PNMTQGFWENSMLTDPGNVQKAVCHPTAWDLGKGDFRILMCTKVTMDDFLTAHHEMGHIQYDMAYAAQPFLLRNGANEGF
HEAVGEIMSLSAATPKHLKSIGLLSPDFQEDNETEINFLLKQALTIVGTLPFTYMLEKWRWMVFKGEIPKDQWMKKWWEM
KREIVGVVEPVPHDETYCDPASLFHVSNDYSFIRYYTRTLYQFQFQEALCQAAKHEGPLHKCDISNSTEAGQKLFNMLRL
GKSEPWTLALENVVGAKNMNVRPLLNYFEPLFTWLKDQNKNSFVGWSTDWSPYADQSIKVRISLKSALGDKAYEWNDNEM
YLFRSSVAYAMRQYFLKVKNQMILFGEEDVRVANLKPRISFNFFVTAPKNVSDIIPRTEVEKAIRMSRSRINDAFRLNDN
SLEFLGIQPTLGPPNQPPVSIWLIVFGVVMGVIVVGIVILIFTGIRDRKKKNKARSGENPYASIDISKGENNPGFQNTDD
VQTSF
;
A
2 'polypeptide(L)'
;RVQPTESIVRFPNITNLCPFDEVFNATRFASVYAWNRKRISNCVADYSVLYNFAPFFAFKCYGVSPTKLNDLCFTNVYAD
SFVIRGNEVSQIAPGQTGNIADYNYKLPDDFTGCVIAWNSNKLDSTVGGNYNYRYRLFRKSKLKPFERDISTEIYQAGNK
PCNGVAGVNCYFPLQSYGFRPTYGVGHQPYRVVVLSFELLHAPATVCGPKKSTNLVKNKCVN
;
B
#
loop_
_chem_comp.id
_chem_comp.type
_chem_comp.name
_chem_comp.formula
FUC L-saccharide, alpha linking alpha-L-fucopyranose 'C6 H12 O5'
NAG D-saccharide, beta linking 2-acetamido-2-deoxy-beta-D-glucopyranose 'C8 H15 N O6'
ZN non-polymer 'ZINC ION' 'Zn 2'
#
# COMPACT_ATOMS: atom_id res chain seq x y z
N SER A 19 33.92 6.57 -16.11
CA SER A 19 32.80 6.69 -15.20
C SER A 19 31.64 7.46 -15.85
N THR A 20 30.78 6.74 -16.57
CA THR A 20 29.66 7.37 -17.23
C THR A 20 28.56 7.68 -16.22
N ILE A 21 27.44 8.20 -16.73
CA ILE A 21 26.35 8.63 -15.87
C ILE A 21 25.67 7.45 -15.17
N GLU A 22 25.80 6.24 -15.72
CA GLU A 22 25.19 5.07 -15.11
C GLU A 22 25.74 4.82 -13.70
N GLU A 23 27.07 4.78 -13.57
CA GLU A 23 27.70 4.51 -12.28
C GLU A 23 27.62 5.68 -11.32
N GLN A 24 27.26 6.86 -11.85
CA GLN A 24 27.00 8.05 -11.00
C GLN A 24 25.59 7.98 -10.42
N ALA A 25 24.59 7.62 -11.22
CA ALA A 25 23.20 7.44 -10.80
C ALA A 25 23.06 6.25 -9.86
N LYS A 26 23.77 5.16 -10.15
CA LYS A 26 23.68 3.97 -9.31
C LYS A 26 24.15 4.26 -7.89
N THR A 27 25.28 4.95 -7.76
CA THR A 27 25.83 5.23 -6.44
C THR A 27 24.95 6.20 -5.68
N PHE A 28 24.42 7.22 -6.37
CA PHE A 28 23.49 8.13 -5.72
C PHE A 28 22.25 7.39 -5.24
N LEU A 29 21.74 6.47 -6.05
CA LEU A 29 20.57 5.71 -5.64
C LEU A 29 20.88 4.80 -4.45
N ASP A 30 22.09 4.24 -4.40
CA ASP A 30 22.48 3.42 -3.25
C ASP A 30 22.47 4.25 -1.96
N LYS A 31 23.10 5.43 -2.01
CA LYS A 31 23.11 6.30 -0.84
C LYS A 31 21.69 6.67 -0.41
N PHE A 32 20.86 7.06 -1.38
CA PHE A 32 19.47 7.42 -1.06
C PHE A 32 18.73 6.23 -0.46
N ASN A 33 18.96 5.03 -0.99
CA ASN A 33 18.29 3.84 -0.48
C ASN A 33 18.67 3.57 0.96
N HIS A 34 19.95 3.74 1.30
CA HIS A 34 20.36 3.46 2.68
CA HIS A 34 20.38 3.48 2.68
C HIS A 34 19.96 4.56 3.66
N GLU A 35 19.71 5.79 3.20
CA GLU A 35 19.27 6.82 4.13
C GLU A 35 17.74 6.90 4.29
N ALA A 36 17.01 6.73 3.20
CA ALA A 36 15.55 6.87 3.24
C ALA A 36 14.93 5.80 4.13
N GLU A 37 15.50 4.60 4.15
CA GLU A 37 14.94 3.53 4.97
C GLU A 37 14.92 3.94 6.44
N ASP A 38 16.06 4.41 6.96
CA ASP A 38 16.12 4.81 8.36
C ASP A 38 15.19 5.99 8.65
N LEU A 39 15.23 7.01 7.79
CA LEU A 39 14.41 8.19 8.09
C LEU A 39 12.92 7.87 8.05
N PHE A 40 12.49 7.10 7.05
CA PHE A 40 11.09 6.72 6.96
C PHE A 40 10.69 5.77 8.09
N TYR A 41 11.59 4.90 8.54
CA TYR A 41 11.28 4.05 9.67
C TYR A 41 11.02 4.88 10.92
N GLN A 42 11.87 5.89 11.16
CA GLN A 42 11.66 6.75 12.32
C GLN A 42 10.32 7.46 12.22
N SER A 43 10.01 8.00 11.04
CA SER A 43 8.74 8.70 10.86
C SER A 43 7.55 7.78 11.09
N SER A 44 7.62 6.56 10.54
CA SER A 44 6.53 5.61 10.68
C SER A 44 6.34 5.18 12.12
N LEU A 45 7.44 4.99 12.85
CA LEU A 45 7.34 4.62 14.26
C LEU A 45 6.70 5.74 15.07
N ALA A 46 7.08 7.00 14.80
CA ALA A 46 6.46 8.12 15.49
C ALA A 46 4.97 8.20 15.19
N SER A 47 4.59 8.00 13.93
CA SER A 47 3.18 8.05 13.57
C SER A 47 2.40 6.92 14.24
N TRP A 48 2.99 5.73 14.30
CA TRP A 48 2.32 4.61 14.97
C TRP A 48 2.15 4.89 16.46
N ASN A 49 3.18 5.46 17.10
CA ASN A 49 3.07 5.80 18.51
C ASN A 49 1.95 6.81 18.75
N TYR A 50 1.81 7.79 17.86
CA TYR A 50 0.69 8.71 17.99
C TYR A 50 -0.65 8.01 17.77
N ASN A 51 -0.73 7.09 16.81
CA ASN A 51 -1.99 6.41 16.57
C ASN A 51 -2.34 5.42 17.68
N THR A 52 -1.39 5.09 18.55
CA THR A 52 -1.70 4.30 19.74
C THR A 52 -1.99 5.18 20.95
N ASN A 53 -1.03 6.04 21.32
CA ASN A 53 -1.22 7.03 22.37
C ASN A 53 -1.46 8.41 21.76
N ILE A 54 -2.41 9.14 22.34
CA ILE A 54 -2.68 10.52 21.94
C ILE A 54 -2.20 11.43 23.05
N THR A 55 -1.10 12.14 22.80
CA THR A 55 -0.51 13.05 23.77
C THR A 55 0.29 14.10 23.00
N GLU A 56 0.54 15.24 23.66
CA GLU A 56 1.27 16.31 23.00
C GLU A 56 2.69 15.87 22.63
N GLU A 57 3.32 15.05 23.48
CA GLU A 57 4.67 14.59 23.20
C GLU A 57 4.73 13.78 21.92
N ASN A 58 3.75 12.90 21.70
CA ASN A 58 3.74 12.08 20.48
C ASN A 58 3.48 12.94 19.25
N VAL A 59 2.62 13.95 19.37
CA VAL A 59 2.40 14.86 18.25
C VAL A 59 3.69 15.60 17.89
N GLN A 60 4.42 16.05 18.92
CA GLN A 60 5.70 16.71 18.65
C GLN A 60 6.70 15.75 18.01
N ASN A 61 6.71 14.50 18.45
CA ASN A 61 7.59 13.51 17.85
C ASN A 61 7.26 13.29 16.37
N MET A 62 5.96 13.20 16.05
CA MET A 62 5.57 13.10 14.65
C MET A 62 6.02 14.32 13.87
N ASN A 63 5.85 15.51 14.45
CA ASN A 63 6.23 16.72 13.74
C ASN A 63 7.72 16.74 13.43
N ASN A 64 8.55 16.39 14.41
CA ASN A 64 10.00 16.38 14.18
C ASN A 64 10.39 15.33 13.13
N ALA A 65 9.84 14.12 13.24
CA ALA A 65 10.18 13.06 12.29
C ALA A 65 9.76 13.44 10.88
N GLY A 66 8.54 13.98 10.72
CA GLY A 66 8.08 14.39 9.42
C GLY A 66 8.88 15.53 8.84
N ASP A 67 9.28 16.48 9.69
CA ASP A 67 10.11 17.58 9.21
C ASP A 67 11.44 17.07 8.70
N LYS A 68 12.08 16.16 9.45
CA LYS A 68 13.34 15.59 8.99
C LYS A 68 13.16 14.84 7.67
N TRP A 69 12.10 14.04 7.56
CA TRP A 69 11.87 13.26 6.35
C TRP A 69 11.64 14.17 5.14
N SER A 70 10.82 15.21 5.31
CA SER A 70 10.54 16.11 4.21
C SER A 70 11.78 16.90 3.79
N ALA A 71 12.56 17.37 4.77
CA ALA A 71 13.78 18.10 4.44
C ALA A 71 14.76 17.22 3.67
N PHE A 72 14.95 15.98 4.13
CA PHE A 72 15.84 15.06 3.42
C PHE A 72 15.33 14.78 2.02
N LEU A 73 14.01 14.57 1.87
CA LEU A 73 13.45 14.26 0.56
C LEU A 73 13.64 15.42 -0.40
N LYS A 74 13.40 16.65 0.04
CA LYS A 74 13.62 17.80 -0.85
C LYS A 74 15.10 17.85 -1.20
N GLU A 75 15.96 17.79 -0.22
CA GLU A 75 17.39 17.91 -0.51
C GLU A 75 17.83 16.91 -1.56
N GLN A 76 17.39 15.66 -1.42
CA GLN A 76 17.78 14.63 -2.39
C GLN A 76 17.16 14.90 -3.75
N SER A 77 15.92 15.39 -3.78
CA SER A 77 15.29 15.75 -5.04
C SER A 77 16.02 16.88 -5.73
N THR A 78 16.49 17.87 -4.97
CA THR A 78 17.32 18.93 -5.54
C THR A 78 18.61 18.38 -6.11
N LEU A 79 19.25 17.40 -5.46
CA LEU A 79 20.54 16.82 -5.97
C LEU A 79 20.26 15.81 -7.07
N ALA A 80 19.00 15.45 -7.27
CA ALA A 80 18.72 14.41 -8.25
C ALA A 80 18.59 14.95 -9.67
N GLN A 81 18.64 16.27 -9.87
CA GLN A 81 18.43 16.86 -11.17
C GLN A 81 19.71 16.93 -12.01
N MET A 82 20.84 16.50 -11.49
CA MET A 82 22.11 16.60 -12.20
C MET A 82 22.40 15.38 -13.05
N TYR A 83 21.47 14.43 -13.15
CA TYR A 83 21.61 13.24 -14.00
C TYR A 83 20.52 13.31 -15.07
N PRO A 84 20.85 13.76 -16.27
CA PRO A 84 19.84 13.83 -17.34
C PRO A 84 19.32 12.45 -17.70
N LEU A 85 18.04 12.39 -18.06
CA LEU A 85 17.39 11.11 -18.31
C LEU A 85 17.81 10.50 -19.65
N GLN A 86 18.13 11.33 -20.63
CA GLN A 86 18.43 10.82 -21.97
C GLN A 86 19.72 10.02 -22.02
N GLU A 87 20.62 10.19 -21.05
CA GLU A 87 21.89 9.50 -21.05
C GLU A 87 21.88 8.20 -20.25
N ILE A 88 20.74 7.83 -19.67
CA ILE A 88 20.62 6.65 -18.82
C ILE A 88 19.74 5.63 -19.52
N GLN A 89 20.25 4.40 -19.67
CA GLN A 89 19.50 3.33 -20.33
C GLN A 89 19.60 2.04 -19.50
N ASN A 90 18.66 1.87 -18.57
CA ASN A 90 18.43 0.59 -17.92
C ASN A 90 16.95 0.27 -17.69
N LEU A 91 16.08 1.29 -17.64
CA LEU A 91 14.64 1.17 -17.39
C LEU A 91 14.34 0.73 -15.95
N THR A 92 15.36 0.50 -15.13
CA THR A 92 15.19 0.23 -13.71
C THR A 92 15.63 1.41 -12.86
N VAL A 93 16.84 1.93 -13.10
CA VAL A 93 17.29 3.13 -12.41
C VAL A 93 16.65 4.38 -12.98
N LYS A 94 16.09 4.31 -14.19
CA LYS A 94 15.40 5.46 -14.76
C LYS A 94 14.12 5.75 -14.01
N LEU A 95 13.41 4.71 -13.56
CA LEU A 95 12.16 4.92 -12.83
C LEU A 95 12.41 5.57 -11.48
N GLN A 96 13.47 5.15 -10.78
CA GLN A 96 13.79 5.76 -9.50
C GLN A 96 14.11 7.24 -9.66
N LEU A 97 14.89 7.59 -10.68
CA LEU A 97 15.20 8.99 -10.92
C LEU A 97 13.98 9.77 -11.38
N GLN A 98 13.07 9.12 -12.11
CA GLN A 98 11.83 9.79 -12.48
C GLN A 98 10.99 10.11 -11.25
N ALA A 99 10.94 9.17 -10.30
CA ALA A 99 10.22 9.42 -9.05
C ALA A 99 10.88 10.53 -8.24
N LEU A 100 12.22 10.56 -8.23
CA LEU A 100 12.94 11.54 -7.42
C LEU A 100 12.91 12.95 -8.03
N GLN A 101 12.88 13.06 -9.36
CA GLN A 101 13.09 14.33 -10.03
C GLN A 101 11.83 15.16 -10.19
N GLN A 102 10.68 14.69 -9.69
CA GLN A 102 9.47 15.50 -9.75
C GLN A 102 9.64 16.77 -8.94
N ASN A 103 9.57 17.92 -9.62
CA ASN A 103 9.80 19.20 -8.95
C ASN A 103 8.63 19.56 -8.05
N GLY A 104 7.45 19.71 -8.64
CA GLY A 104 6.26 20.06 -7.87
C GLY A 104 6.11 21.55 -7.66
N SER A 105 6.04 21.98 -6.39
CA SER A 105 5.82 23.38 -6.08
C SER A 105 7.08 24.22 -6.18
N SER A 106 8.25 23.61 -6.32
CA SER A 106 9.49 24.36 -6.39
C SER A 106 9.59 25.21 -7.66
N VAL A 107 8.79 24.90 -8.68
CA VAL A 107 8.86 25.66 -9.93
C VAL A 107 8.16 27.01 -9.86
N LEU A 108 7.44 27.28 -8.77
CA LEU A 108 6.76 28.56 -8.59
C LEU A 108 7.58 29.46 -7.68
N SER A 109 7.22 30.74 -7.68
CA SER A 109 7.86 31.70 -6.79
C SER A 109 7.41 31.48 -5.35
N GLU A 110 8.11 32.13 -4.42
CA GLU A 110 7.77 31.98 -3.02
C GLU A 110 6.38 32.52 -2.72
N ASP A 111 6.02 33.67 -3.30
CA ASP A 111 4.71 34.26 -3.05
C ASP A 111 3.59 33.35 -3.56
N LYS A 112 3.74 32.84 -4.78
CA LYS A 112 2.71 31.95 -5.33
C LYS A 112 2.62 30.66 -4.55
N SER A 113 3.76 30.10 -4.12
CA SER A 113 3.74 28.87 -3.35
C SER A 113 3.05 29.05 -2.01
N LYS A 114 3.38 30.13 -1.29
CA LYS A 114 2.73 30.36 -0.01
C LYS A 114 1.25 30.67 -0.18
N ARG A 115 0.87 31.37 -1.25
CA ARG A 115 -0.54 31.59 -1.53
C ARG A 115 -1.26 30.28 -1.79
N LEU A 116 -0.63 29.37 -2.54
CA LEU A 116 -1.25 28.08 -2.82
C LEU A 116 -1.44 27.28 -1.53
N ASN A 117 -0.42 27.25 -0.67
CA ASN A 117 -0.57 26.55 0.61
C ASN A 117 -1.65 27.18 1.46
N THR A 118 -1.71 28.51 1.50
CA THR A 118 -2.75 29.18 2.28
C THR A 118 -4.14 28.84 1.76
N ILE A 119 -4.31 28.82 0.44
CA ILE A 119 -5.60 28.48 -0.16
C ILE A 119 -5.99 27.05 0.21
N LEU A 120 -5.03 26.12 0.09
CA LEU A 120 -5.34 24.72 0.38
C LEU A 120 -5.74 24.53 1.85
N ASN A 121 -4.98 25.14 2.77
CA ASN A 121 -5.31 25.01 4.18
C ASN A 121 -6.65 25.68 4.49
N THR A 122 -6.93 26.82 3.88
CA THR A 122 -8.21 27.50 4.12
C THR A 122 -9.37 26.63 3.66
N MET A 123 -9.25 26.04 2.47
CA MET A 123 -10.33 25.19 1.96
C MET A 123 -10.51 23.94 2.83
N SER A 124 -9.40 23.32 3.27
CA SER A 124 -9.51 22.16 4.14
C SER A 124 -10.15 22.52 5.47
N THR A 125 -9.79 23.68 6.03
CA THR A 125 -10.39 24.12 7.29
C THR A 125 -11.88 24.40 7.13
N ILE A 126 -12.26 25.03 6.03
CA ILE A 126 -13.69 25.31 5.80
C ILE A 126 -14.47 24.02 5.68
N TYR A 127 -13.92 23.03 4.94
CA TYR A 127 -14.63 21.76 4.83
C TYR A 127 -14.71 21.03 6.16
N SER A 128 -13.62 21.04 6.93
CA SER A 128 -13.59 20.27 8.17
C SER A 128 -14.57 20.80 9.21
N THR A 129 -14.68 22.12 9.33
CA THR A 129 -15.52 22.74 10.34
C THR A 129 -16.80 23.34 9.74
N GLY A 130 -17.29 22.76 8.65
CA GLY A 130 -18.50 23.25 8.02
C GLY A 130 -19.70 23.17 8.95
N LYS A 131 -20.35 24.31 9.18
CA LYS A 131 -21.41 24.41 10.17
C LYS A 131 -22.67 24.92 9.48
N VAL A 132 -23.76 24.16 9.58
CA VAL A 132 -25.05 24.56 9.05
C VAL A 132 -26.07 24.52 10.18
N CYS A 133 -26.98 25.49 10.18
CA CYS A 133 -27.94 25.61 11.26
C CYS A 133 -29.32 25.90 10.71
N ASN A 134 -30.33 25.26 11.29
CA ASN A 134 -31.71 25.45 10.86
C ASN A 134 -32.20 26.86 11.24
N PRO A 135 -33.11 27.42 10.44
CA PRO A 135 -33.52 28.82 10.67
C PRO A 135 -34.60 28.98 11.72
N ASP A 136 -34.48 28.30 12.84
CA ASP A 136 -35.41 28.53 13.94
C ASP A 136 -34.71 28.78 15.26
N ASN A 137 -33.59 28.10 15.52
CA ASN A 137 -32.87 28.25 16.77
C ASN A 137 -31.38 28.02 16.57
N PRO A 138 -30.57 29.08 16.65
CA PRO A 138 -29.12 28.92 16.49
C PRO A 138 -28.42 28.29 17.68
N GLN A 139 -29.15 27.96 18.75
CA GLN A 139 -28.54 27.38 19.94
C GLN A 139 -28.32 25.88 19.81
N GLU A 140 -28.81 25.25 18.75
CA GLU A 140 -28.64 23.81 18.56
C GLU A 140 -28.69 23.53 17.06
N CYS A 141 -27.54 23.17 16.49
CA CYS A 141 -27.48 22.89 15.06
C CYS A 141 -26.28 21.99 14.77
N LEU A 142 -26.30 21.37 13.59
CA LEU A 142 -25.56 20.16 13.32
C LEU A 142 -24.28 20.43 12.52
N LEU A 143 -23.41 19.42 12.51
CA LEU A 143 -22.18 19.37 11.74
C LEU A 143 -22.36 18.39 10.58
N LEU A 144 -21.28 18.18 9.81
CA LEU A 144 -21.32 17.19 8.74
C LEU A 144 -21.26 15.77 9.29
N GLU A 145 -20.37 15.52 10.26
CA GLU A 145 -20.17 14.18 10.79
C GLU A 145 -20.07 14.22 12.31
N PRO A 146 -21.10 13.77 13.04
CA PRO A 146 -22.37 13.28 12.53
C PRO A 146 -23.34 14.41 12.22
N GLY A 147 -24.63 14.11 12.16
CA GLY A 147 -25.60 15.11 11.81
C GLY A 147 -26.18 14.95 10.42
N LEU A 148 -25.70 15.75 9.47
CA LEU A 148 -26.20 15.69 8.10
C LEU A 148 -26.06 14.30 7.51
N ASN A 149 -24.96 13.62 7.82
CA ASN A 149 -24.76 12.26 7.31
C ASN A 149 -25.84 11.32 7.80
N GLU A 150 -26.16 11.38 9.10
CA GLU A 150 -27.25 10.56 9.63
C GLU A 150 -28.58 10.97 9.00
N ILE A 151 -28.78 12.26 8.77
CA ILE A 151 -30.03 12.74 8.19
C ILE A 151 -30.24 12.13 6.82
N MET A 152 -29.24 12.22 5.95
CA MET A 152 -29.40 11.72 4.59
C MET A 152 -29.03 10.25 4.45
N ALA A 153 -28.69 9.57 5.54
CA ALA A 153 -28.52 8.13 5.51
C ALA A 153 -29.67 7.36 6.14
N ASN A 154 -30.48 7.98 7.01
CA ASN A 154 -31.49 7.22 7.73
C ASN A 154 -32.81 7.98 7.86
N SER A 155 -33.18 8.78 6.87
CA SER A 155 -34.44 9.50 6.90
C SER A 155 -35.22 9.29 5.61
N LEU A 156 -36.52 9.12 5.75
CA LEU A 156 -37.43 8.94 4.61
C LEU A 156 -38.22 10.22 4.30
N ASP A 157 -37.93 11.32 4.98
CA ASP A 157 -38.62 12.57 4.72
C ASP A 157 -38.00 13.30 3.53
N TYR A 158 -38.86 13.92 2.73
CA TYR A 158 -38.43 14.58 1.51
C TYR A 158 -37.91 16.00 1.77
N ASN A 159 -38.60 16.77 2.60
CA ASN A 159 -38.24 18.16 2.81
C ASN A 159 -37.00 18.32 3.68
N GLU A 160 -36.82 17.48 4.70
CA GLU A 160 -35.64 17.55 5.56
C GLU A 160 -34.36 17.18 4.81
N ARG A 161 -34.42 16.15 3.97
CA ARG A 161 -33.27 15.80 3.14
C ARG A 161 -32.92 16.93 2.19
N LEU A 162 -33.93 17.56 1.59
CA LEU A 162 -33.69 18.70 0.72
C LEU A 162 -33.07 19.85 1.49
N TRP A 163 -33.54 20.08 2.72
CA TRP A 163 -32.96 21.14 3.54
C TRP A 163 -31.47 20.89 3.78
N ALA A 164 -31.12 19.68 4.18
CA ALA A 164 -29.71 19.37 4.43
C ALA A 164 -28.89 19.50 3.15
N TRP A 165 -29.41 18.95 2.04
CA TRP A 165 -28.68 18.96 0.78
C TRP A 165 -28.43 20.38 0.29
N GLU A 166 -29.43 21.26 0.42
CA GLU A 166 -29.26 22.63 -0.03
C GLU A 166 -28.41 23.44 0.94
N SER A 167 -28.53 23.18 2.25
CA SER A 167 -27.76 23.95 3.22
C SER A 167 -26.27 23.67 3.09
N TRP A 168 -25.89 22.40 2.98
CA TRP A 168 -24.46 22.10 2.91
C TRP A 168 -23.82 22.74 1.69
N ARG A 169 -24.55 22.84 0.58
CA ARG A 169 -24.04 23.48 -0.61
C ARG A 169 -24.25 25.00 -0.62
N SER A 170 -25.04 25.52 0.32
CA SER A 170 -25.27 26.96 0.41
C SER A 170 -24.27 27.63 1.34
N GLU A 171 -24.29 27.29 2.63
CA GLU A 171 -23.36 27.94 3.55
C GLU A 171 -21.90 27.52 3.30
N VAL A 172 -21.67 26.28 2.89
CA VAL A 172 -20.29 25.82 2.69
C VAL A 172 -19.82 26.06 1.26
N GLY A 173 -20.67 25.80 0.27
CA GLY A 173 -20.24 25.92 -1.11
C GLY A 173 -19.87 27.34 -1.52
N LYS A 174 -20.46 28.34 -0.86
CA LYS A 174 -20.18 29.73 -1.21
C LYS A 174 -18.72 30.09 -0.98
N GLN A 175 -18.15 29.67 0.15
CA GLN A 175 -16.82 30.14 0.52
C GLN A 175 -15.70 29.43 -0.23
N LEU A 176 -15.98 28.40 -1.02
CA LEU A 176 -14.93 27.66 -1.69
C LEU A 176 -14.71 28.08 -3.14
N ARG A 177 -15.72 28.64 -3.81
CA ARG A 177 -15.56 29.00 -5.22
C ARG A 177 -14.49 30.05 -5.46
N PRO A 178 -14.47 31.20 -4.75
CA PRO A 178 -13.39 32.17 -4.96
C PRO A 178 -12.01 31.58 -4.69
N LEU A 179 -11.90 30.69 -3.71
CA LEU A 179 -10.63 30.01 -3.47
C LEU A 179 -10.35 28.99 -4.55
N TYR A 180 -11.39 28.30 -5.04
CA TYR A 180 -11.18 27.25 -6.04
C TYR A 180 -10.69 27.82 -7.36
N GLU A 181 -11.18 29.00 -7.75
CA GLU A 181 -10.72 29.59 -9.01
C GLU A 181 -9.22 29.88 -8.96
N GLU A 182 -8.76 30.50 -7.88
CA GLU A 182 -7.33 30.78 -7.73
C GLU A 182 -6.54 29.48 -7.62
N TYR A 183 -7.10 28.47 -6.94
CA TYR A 183 -6.47 27.17 -6.90
C TYR A 183 -6.25 26.61 -8.30
N VAL A 184 -7.27 26.69 -9.15
CA VAL A 184 -7.16 26.18 -10.51
C VAL A 184 -6.07 26.93 -11.26
N VAL A 185 -6.07 28.26 -11.16
CA VAL A 185 -5.09 29.06 -11.90
C VAL A 185 -3.67 28.72 -11.47
N LEU A 186 -3.43 28.66 -10.16
CA LEU A 186 -2.08 28.40 -9.67
C LEU A 186 -1.62 26.98 -9.98
N LYS A 187 -2.52 25.99 -9.85
CA LYS A 187 -2.11 24.62 -10.18
C LYS A 187 -1.83 24.49 -11.67
N ASN A 188 -2.58 25.20 -12.52
CA ASN A 188 -2.28 25.20 -13.94
C ASN A 188 -0.93 25.85 -14.23
N GLU A 189 -0.62 26.94 -13.53
CA GLU A 189 0.70 27.54 -13.69
C GLU A 189 1.81 26.57 -13.32
N MET A 190 1.64 25.86 -12.20
CA MET A 190 2.63 24.88 -11.78
C MET A 190 2.76 23.76 -12.80
N ALA A 191 1.64 23.26 -13.30
CA ALA A 191 1.67 22.17 -14.27
C ALA A 191 2.39 22.59 -15.55
N ARG A 192 2.09 23.79 -16.05
CA ARG A 192 2.75 24.27 -17.26
C ARG A 192 4.22 24.58 -17.00
N ALA A 193 4.59 24.92 -15.77
CA ALA A 193 6.01 25.10 -15.45
C ALA A 193 6.74 23.76 -15.37
N ASN A 194 6.03 22.68 -15.04
CA ASN A 194 6.61 21.36 -14.99
C ASN A 194 6.60 20.63 -16.33
N HIS A 195 6.52 21.38 -17.43
CA HIS A 195 6.54 20.82 -18.78
C HIS A 195 5.37 19.87 -19.03
N TYR A 196 4.19 20.24 -18.53
CA TYR A 196 2.95 19.53 -18.79
C TYR A 196 2.01 20.41 -19.58
N GLU A 197 0.79 19.93 -19.80
CA GLU A 197 -0.24 20.71 -20.47
C GLU A 197 -1.20 21.37 -19.51
N ASP A 198 -1.60 20.67 -18.46
CA ASP A 198 -2.49 21.18 -17.42
C ASP A 198 -2.42 20.23 -16.24
N TYR A 199 -3.17 20.54 -15.18
CA TYR A 199 -3.13 19.71 -13.99
C TYR A 199 -3.77 18.34 -14.23
N GLY A 200 -4.78 18.26 -15.09
CA GLY A 200 -5.36 16.97 -15.42
C GLY A 200 -4.35 16.06 -16.10
N ASP A 201 -3.51 16.62 -16.97
CA ASP A 201 -2.43 15.85 -17.58
C ASP A 201 -1.46 15.37 -16.51
N TYR A 202 -1.17 16.23 -15.51
CA TYR A 202 -0.31 15.84 -14.41
C TYR A 202 -0.89 14.66 -13.65
N TRP A 203 -2.20 14.68 -13.39
CA TRP A 203 -2.82 13.54 -12.71
C TRP A 203 -2.79 12.28 -13.56
N ARG A 204 -3.07 12.42 -14.86
CA ARG A 204 -3.05 11.27 -15.75
C ARG A 204 -1.64 10.71 -15.94
N GLY A 205 -0.61 11.47 -15.57
CA GLY A 205 0.77 11.00 -15.69
C GLY A 205 1.08 9.76 -14.86
N ASP A 206 0.21 9.37 -13.94
CA ASP A 206 0.43 8.16 -13.16
C ASP A 206 0.43 6.92 -14.05
N TYR A 207 -0.44 6.89 -15.06
CA TYR A 207 -0.61 5.74 -15.92
C TYR A 207 0.30 5.78 -17.15
N GLU A 208 1.20 6.75 -17.23
CA GLU A 208 2.05 6.91 -18.39
C GLU A 208 3.19 5.89 -18.38
N VAL A 209 3.41 5.25 -19.52
CA VAL A 209 4.51 4.30 -19.70
C VAL A 209 5.23 4.65 -20.99
N ASN A 210 6.55 4.84 -20.90
CA ASN A 210 7.39 5.12 -22.05
C ASN A 210 8.65 4.27 -21.99
N GLY A 211 9.14 3.85 -23.16
CA GLY A 211 10.44 3.22 -23.25
C GLY A 211 10.41 1.75 -23.60
N VAL A 212 9.48 1.01 -22.99
CA VAL A 212 9.39 -0.43 -23.21
C VAL A 212 8.57 -0.68 -24.46
N ASP A 213 9.15 -1.38 -25.42
CA ASP A 213 8.47 -1.63 -26.69
C ASP A 213 7.37 -2.67 -26.49
N GLY A 214 6.18 -2.37 -27.00
CA GLY A 214 5.05 -3.27 -26.91
C GLY A 214 4.20 -3.11 -25.67
N TYR A 215 4.62 -2.30 -24.70
CA TYR A 215 3.89 -2.10 -23.46
C TYR A 215 3.74 -0.61 -23.17
N ASP A 216 3.60 0.20 -24.20
CA ASP A 216 3.50 1.64 -24.03
C ASP A 216 2.07 2.07 -23.72
N TYR A 217 1.95 3.24 -23.10
CA TYR A 217 0.65 3.79 -22.74
C TYR A 217 0.80 5.29 -22.61
N SER A 218 0.13 6.03 -23.49
CA SER A 218 0.16 7.49 -23.46
C SER A 218 -0.86 8.01 -22.46
N ARG A 219 -0.68 9.27 -22.05
CA ARG A 219 -1.56 9.86 -21.06
C ARG A 219 -2.95 10.15 -21.63
N GLY A 220 -3.05 10.37 -22.94
CA GLY A 220 -4.35 10.53 -23.57
C GLY A 220 -5.08 9.23 -23.83
N GLN A 221 -4.37 8.10 -23.78
CA GLN A 221 -5.02 6.81 -23.98
C GLN A 221 -5.95 6.46 -22.84
N LEU A 222 -5.66 6.97 -21.63
CA LEU A 222 -6.50 6.66 -20.47
C LEU A 222 -7.93 7.14 -20.68
N ILE A 223 -8.08 8.35 -21.24
CA ILE A 223 -9.42 8.85 -21.55
C ILE A 223 -10.16 7.87 -22.47
N GLU A 224 -9.60 7.64 -23.66
CA GLU A 224 -10.28 6.82 -24.65
C GLU A 224 -10.63 5.44 -24.08
N ASP A 225 -9.74 4.86 -23.28
CA ASP A 225 -10.06 3.61 -22.62
C ASP A 225 -11.23 3.77 -21.67
N VAL A 226 -11.30 4.90 -20.96
CA VAL A 226 -12.40 5.10 -20.01
C VAL A 226 -13.75 5.19 -20.74
N GLU A 227 -13.82 5.98 -21.82
CA GLU A 227 -15.07 5.98 -22.58
C GLU A 227 -15.39 4.62 -23.17
N HIS A 228 -14.37 3.91 -23.68
CA HIS A 228 -14.65 2.61 -24.31
C HIS A 228 -15.21 1.63 -23.29
N THR A 229 -14.69 1.63 -22.06
CA THR A 229 -15.23 0.76 -21.03
C THR A 229 -16.62 1.21 -20.57
N PHE A 230 -16.83 2.51 -20.44
CA PHE A 230 -18.13 2.98 -19.96
C PHE A 230 -19.25 2.71 -20.96
N GLU A 231 -18.93 2.75 -22.26
CA GLU A 231 -19.94 2.46 -23.26
C GLU A 231 -20.49 1.04 -23.12
N GLU A 232 -19.65 0.09 -22.70
CA GLU A 232 -20.11 -1.25 -22.41
C GLU A 232 -20.73 -1.38 -21.03
N ILE A 233 -20.33 -0.53 -20.08
CA ILE A 233 -20.98 -0.54 -18.78
C ILE A 233 -22.43 -0.08 -18.87
N LYS A 234 -22.73 0.86 -19.77
CA LYS A 234 -24.00 1.60 -19.73
C LYS A 234 -25.27 0.77 -19.62
N PRO A 235 -25.48 -0.31 -20.39
CA PRO A 235 -26.80 -0.98 -20.32
C PRO A 235 -27.15 -1.54 -18.94
N LEU A 236 -26.18 -2.14 -18.25
CA LEU A 236 -26.43 -2.65 -16.91
C LEU A 236 -26.79 -1.52 -15.95
N TYR A 237 -26.08 -0.39 -16.06
CA TYR A 237 -26.41 0.76 -15.23
C TYR A 237 -27.81 1.27 -15.54
N GLU A 238 -28.20 1.27 -16.81
CA GLU A 238 -29.54 1.72 -17.17
C GLU A 238 -30.61 0.83 -16.57
N HIS A 239 -30.40 -0.48 -16.60
CA HIS A 239 -31.39 -1.39 -16.00
C HIS A 239 -31.44 -1.23 -14.49
N LEU A 240 -30.28 -1.09 -13.84
CA LEU A 240 -30.27 -0.84 -12.40
C LEU A 240 -30.96 0.47 -12.05
N HIS A 241 -30.73 1.51 -12.86
CA HIS A 241 -31.37 2.80 -12.68
C HIS A 241 -32.88 2.68 -12.80
N ALA A 242 -33.35 1.92 -13.79
CA ALA A 242 -34.79 1.72 -13.95
C ALA A 242 -35.39 1.00 -12.75
N TYR A 243 -34.71 -0.05 -12.27
CA TYR A 243 -35.22 -0.79 -11.11
C TYR A 243 -35.29 0.10 -9.87
N VAL A 244 -34.23 0.87 -9.63
CA VAL A 244 -34.20 1.75 -8.46
C VAL A 244 -35.27 2.82 -8.57
N ARG A 245 -35.46 3.38 -9.77
CA ARG A 245 -36.48 4.40 -9.95
C ARG A 245 -37.88 3.81 -9.73
N ALA A 246 -38.11 2.59 -10.22
CA ALA A 246 -39.40 1.96 -10.02
C ALA A 246 -39.68 1.71 -8.54
N LYS A 247 -38.66 1.30 -7.80
CA LYS A 247 -38.87 1.01 -6.37
C LYS A 247 -38.77 2.23 -5.48
N LEU A 248 -38.33 3.38 -5.99
CA LEU A 248 -38.35 4.61 -5.22
C LEU A 248 -39.64 5.40 -5.38
N MET A 249 -40.50 5.03 -6.32
CA MET A 249 -41.79 5.69 -6.47
C MET A 249 -42.79 5.24 -5.42
N ASN A 250 -42.51 4.15 -4.71
CA ASN A 250 -43.37 3.71 -3.62
C ASN A 250 -43.10 4.46 -2.32
N ALA A 251 -41.88 4.97 -2.14
CA ALA A 251 -41.56 5.75 -0.96
C ALA A 251 -41.86 7.24 -1.13
N TYR A 252 -41.75 7.75 -2.36
CA TYR A 252 -42.04 9.15 -2.68
C TYR A 252 -43.03 9.15 -3.84
N PRO A 253 -44.31 8.94 -3.56
CA PRO A 253 -45.28 8.75 -4.67
C PRO A 253 -45.40 9.95 -5.60
N SER A 254 -45.24 11.16 -5.10
CA SER A 254 -45.49 12.36 -5.88
C SER A 254 -44.24 13.23 -6.02
N TYR A 255 -43.08 12.59 -6.19
CA TYR A 255 -41.84 13.34 -6.36
C TYR A 255 -40.92 12.81 -7.45
N ILE A 256 -41.27 11.70 -8.10
CA ILE A 256 -40.41 11.08 -9.11
C ILE A 256 -41.25 10.77 -10.34
N SER A 257 -40.72 11.09 -11.52
CA SER A 257 -41.34 10.82 -12.81
C SER A 257 -40.87 9.47 -13.34
N PRO A 258 -41.78 8.66 -13.87
CA PRO A 258 -41.41 7.31 -14.33
C PRO A 258 -40.43 7.31 -15.50
N ILE A 259 -40.31 8.41 -16.24
CA ILE A 259 -39.45 8.46 -17.42
C ILE A 259 -38.33 9.49 -17.24
N GLY A 260 -38.09 9.93 -16.02
CA GLY A 260 -37.15 11.01 -15.79
C GLY A 260 -35.89 10.60 -15.06
N CYS A 261 -35.28 11.55 -14.36
CA CYS A 261 -34.03 11.35 -13.64
C CYS A 261 -34.27 11.39 -12.14
N LEU A 262 -33.52 10.57 -11.41
CA LEU A 262 -33.65 10.53 -9.96
C LEU A 262 -33.19 11.85 -9.34
N PRO A 263 -33.93 12.41 -8.40
CA PRO A 263 -33.44 13.61 -7.70
C PRO A 263 -32.16 13.31 -6.93
N ALA A 264 -31.30 14.32 -6.85
CA ALA A 264 -29.96 14.13 -6.33
C ALA A 264 -29.90 14.00 -4.81
N HIS A 265 -30.97 14.33 -4.09
CA HIS A 265 -30.96 14.31 -2.64
C HIS A 265 -31.71 13.11 -2.06
N LEU A 266 -31.95 12.07 -2.85
CA LEU A 266 -32.69 10.90 -2.40
C LEU A 266 -31.92 9.62 -2.67
N LEU A 267 -30.59 9.70 -2.72
CA LEU A 267 -29.76 8.55 -3.09
C LEU A 267 -29.12 7.87 -1.89
N GLY A 268 -29.52 8.22 -0.67
CA GLY A 268 -29.00 7.57 0.51
C GLY A 268 -27.63 8.05 0.95
N ASP A 269 -27.05 9.02 0.25
CA ASP A 269 -25.73 9.55 0.57
C ASP A 269 -25.77 11.05 0.39
N MET A 270 -24.76 11.73 0.96
CA MET A 270 -24.69 13.18 0.82
C MET A 270 -24.55 13.61 -0.63
N TRP A 271 -23.70 12.92 -1.39
CA TRP A 271 -23.41 13.29 -2.77
C TRP A 271 -23.87 12.25 -3.79
N GLY A 272 -24.45 11.15 -3.35
CA GLY A 272 -24.84 10.09 -4.26
C GLY A 272 -23.69 9.25 -4.77
N ARG A 273 -22.56 9.25 -4.07
CA ARG A 273 -21.41 8.45 -4.49
C ARG A 273 -21.73 6.96 -4.45
N PHE A 274 -22.44 6.51 -3.41
CA PHE A 274 -22.85 5.12 -3.27
C PHE A 274 -24.35 5.05 -3.07
N TRP A 275 -24.94 3.95 -3.53
CA TRP A 275 -26.36 3.67 -3.34
C TRP A 275 -26.58 2.61 -2.26
N THR A 276 -25.64 2.48 -1.33
CA THR A 276 -25.69 1.40 -0.34
C THR A 276 -26.91 1.51 0.56
N ASN A 277 -27.28 2.74 0.94
CA ASN A 277 -28.34 2.95 1.91
C ASN A 277 -29.74 2.85 1.32
N LEU A 278 -29.88 2.33 0.10
CA LEU A 278 -31.19 2.10 -0.51
C LEU A 278 -31.59 0.63 -0.52
N TYR A 279 -30.81 -0.23 0.14
CA TYR A 279 -31.14 -1.65 0.17
C TYR A 279 -32.45 -1.90 0.91
N SER A 280 -32.69 -1.17 2.01
CA SER A 280 -33.91 -1.34 2.76
C SER A 280 -35.15 -0.99 1.95
N LEU A 281 -35.00 -0.14 0.93
CA LEU A 281 -36.12 0.25 0.07
C LEU A 281 -36.20 -0.55 -1.21
N THR A 282 -35.09 -1.14 -1.67
CA THR A 282 -35.06 -1.84 -2.95
C THR A 282 -34.78 -3.33 -2.80
N VAL A 283 -35.01 -3.90 -1.63
CA VAL A 283 -34.70 -5.32 -1.41
C VAL A 283 -35.60 -6.18 -2.28
N PRO A 284 -35.06 -7.14 -3.03
CA PRO A 284 -35.89 -7.99 -3.89
C PRO A 284 -36.88 -8.85 -3.11
N PHE A 285 -36.35 -9.64 -2.17
CA PHE A 285 -37.15 -10.57 -1.37
C PHE A 285 -36.92 -10.24 0.09
N GLY A 286 -37.83 -9.47 0.68
CA GLY A 286 -37.64 -9.01 2.05
C GLY A 286 -37.66 -10.15 3.07
N GLN A 287 -38.46 -11.18 2.80
CA GLN A 287 -38.62 -12.25 3.78
C GLN A 287 -37.31 -12.98 4.03
N LYS A 288 -36.55 -13.27 2.98
CA LYS A 288 -35.30 -14.01 3.14
C LYS A 288 -34.19 -13.06 3.57
N PRO A 289 -33.59 -13.26 4.73
CA PRO A 289 -32.52 -12.38 5.20
C PRO A 289 -31.19 -12.75 4.57
N ASN A 290 -30.21 -11.89 4.76
CA ASN A 290 -28.85 -12.13 4.28
C ASN A 290 -28.09 -13.00 5.29
N ILE A 291 -26.94 -13.51 4.86
CA ILE A 291 -26.11 -14.34 5.70
C ILE A 291 -25.35 -13.44 6.67
N ASP A 292 -25.51 -13.71 7.98
CA ASP A 292 -24.84 -12.98 9.03
C ASP A 292 -24.41 -13.98 10.09
N VAL A 293 -23.11 -14.13 10.28
CA VAL A 293 -22.57 -15.11 11.20
C VAL A 293 -22.12 -14.46 12.51
N THR A 294 -22.67 -13.30 12.86
CA THR A 294 -22.30 -12.64 14.11
C THR A 294 -22.71 -13.48 15.31
N ASP A 295 -23.92 -14.05 15.29
CA ASP A 295 -24.36 -14.89 16.40
C ASP A 295 -23.59 -16.20 16.44
N ALA A 296 -23.32 -16.78 15.28
CA ALA A 296 -22.50 -17.99 15.21
C ALA A 296 -21.08 -17.73 15.66
N MET A 297 -20.64 -16.48 15.68
CA MET A 297 -19.36 -16.12 16.25
C MET A 297 -19.45 -15.86 17.74
N VAL A 298 -20.55 -15.27 18.20
CA VAL A 298 -20.72 -14.99 19.62
C VAL A 298 -20.84 -16.29 20.41
N ASP A 299 -21.58 -17.26 19.90
CA ASP A 299 -21.88 -18.45 20.68
C ASP A 299 -20.75 -19.48 20.70
N GLN A 300 -19.66 -19.25 19.97
CA GLN A 300 -18.58 -20.23 19.88
C GLN A 300 -17.24 -19.68 20.38
N ALA A 301 -17.26 -18.64 21.20
CA ALA A 301 -16.04 -18.08 21.80
C ALA A 301 -15.03 -17.66 20.73
N TRP A 302 -15.52 -16.88 19.77
CA TRP A 302 -14.68 -16.25 18.75
C TRP A 302 -14.19 -14.89 19.25
N ASP A 303 -12.88 -14.68 19.18
CA ASP A 303 -12.26 -13.41 19.55
C ASP A 303 -11.40 -12.91 18.39
N ALA A 304 -10.75 -11.76 18.61
CA ALA A 304 -9.97 -11.14 17.55
C ALA A 304 -8.78 -12.00 17.14
N GLN A 305 -8.10 -12.61 18.11
CA GLN A 305 -6.97 -13.46 17.80
C GLN A 305 -7.38 -14.62 16.90
N ARG A 306 -8.53 -15.24 17.19
CA ARG A 306 -8.99 -16.34 16.36
C ARG A 306 -9.39 -15.85 14.97
N ILE A 307 -9.95 -14.64 14.89
CA ILE A 307 -10.29 -14.07 13.59
C ILE A 307 -9.05 -13.94 12.72
N PHE A 308 -7.99 -13.38 13.28
CA PHE A 308 -6.79 -13.18 12.49
C PHE A 308 -6.06 -14.50 12.23
N LYS A 309 -6.17 -15.47 13.14
CA LYS A 309 -5.61 -16.78 12.87
C LYS A 309 -6.34 -17.47 11.72
N GLU A 310 -7.67 -17.33 11.66
CA GLU A 310 -8.42 -17.88 10.54
C GLU A 310 -8.03 -17.22 9.23
N ALA A 311 -7.86 -15.90 9.25
CA ALA A 311 -7.41 -15.21 8.04
C ALA A 311 -6.02 -15.69 7.62
N GLU A 312 -5.13 -15.90 8.58
CA GLU A 312 -3.80 -16.40 8.26
C GLU A 312 -3.86 -17.80 7.68
N LYS A 313 -4.73 -18.65 8.22
CA LYS A 313 -4.91 -19.99 7.68
C LYS A 313 -5.42 -19.93 6.24
N PHE A 314 -6.36 -19.03 5.97
CA PHE A 314 -6.86 -18.87 4.60
C PHE A 314 -5.73 -18.45 3.67
N PHE A 315 -4.90 -17.52 4.09
CA PHE A 315 -3.81 -17.06 3.22
C PHE A 315 -2.76 -18.14 3.01
N VAL A 316 -2.51 -18.96 4.03
CA VAL A 316 -1.56 -20.06 3.89
C VAL A 316 -2.11 -21.12 2.95
N SER A 317 -3.43 -21.34 2.96
CA SER A 317 -4.03 -22.40 2.14
C SER A 317 -3.80 -22.18 0.64
N VAL A 318 -3.50 -20.96 0.21
CA VAL A 318 -3.30 -20.68 -1.21
C VAL A 318 -1.83 -20.55 -1.57
N GLY A 319 -0.92 -20.80 -0.64
CA GLY A 319 0.51 -20.79 -0.91
C GLY A 319 1.24 -19.57 -0.37
N LEU A 320 0.52 -18.52 0.02
CA LEU A 320 1.17 -17.33 0.56
C LEU A 320 1.73 -17.63 1.96
N PRO A 321 2.82 -16.96 2.34
CA PRO A 321 3.50 -17.30 3.60
C PRO A 321 2.75 -16.88 4.86
N ASN A 322 3.29 -17.25 6.01
CA ASN A 322 2.75 -16.86 7.30
C ASN A 322 2.97 -15.38 7.55
N MET A 323 2.44 -14.89 8.66
CA MET A 323 2.77 -13.58 9.19
C MET A 323 3.87 -13.70 10.23
N THR A 324 4.71 -12.67 10.28
CA THR A 324 5.94 -12.71 11.07
C THR A 324 5.64 -12.78 12.56
N GLN A 325 6.64 -13.20 13.32
CA GLN A 325 6.50 -13.26 14.78
C GLN A 325 6.30 -11.89 15.37
N GLY A 326 6.88 -10.85 14.77
CA GLY A 326 6.67 -9.49 15.23
C GLY A 326 5.30 -8.93 14.92
N PHE A 327 4.61 -9.50 13.94
CA PHE A 327 3.25 -9.07 13.64
C PHE A 327 2.31 -9.34 14.81
N TRP A 328 2.45 -10.50 15.45
CA TRP A 328 1.55 -10.88 16.53
C TRP A 328 1.84 -10.16 17.83
N GLU A 329 3.03 -9.59 17.99
CA GLU A 329 3.39 -8.89 19.22
C GLU A 329 3.30 -7.38 19.12
N ASN A 330 3.61 -6.81 17.96
CA ASN A 330 3.66 -5.36 17.80
C ASN A 330 2.40 -4.77 17.19
N SER A 331 1.38 -5.57 16.95
CA SER A 331 0.14 -5.10 16.35
C SER A 331 -0.95 -5.05 17.41
N MET A 332 -1.68 -3.94 17.46
CA MET A 332 -2.76 -3.76 18.42
C MET A 332 -4.07 -4.09 17.71
N LEU A 333 -4.68 -5.21 18.09
CA LEU A 333 -5.86 -5.74 17.42
C LEU A 333 -7.13 -5.54 18.25
N THR A 334 -7.07 -4.76 19.33
CA THR A 334 -8.21 -4.56 20.21
C THR A 334 -8.16 -3.14 20.76
N ASP A 335 -9.33 -2.56 20.98
CA ASP A 335 -9.41 -1.21 21.53
C ASP A 335 -8.82 -1.19 22.93
N PRO A 336 -7.86 -0.30 23.22
CA PRO A 336 -7.24 -0.30 24.55
C PRO A 336 -8.20 -0.02 25.69
N GLY A 337 -9.20 0.83 25.48
CA GLY A 337 -10.14 1.22 26.51
C GLY A 337 -10.13 2.71 26.72
N ASN A 338 -10.73 3.13 27.84
CA ASN A 338 -10.80 4.55 28.16
C ASN A 338 -9.47 5.09 28.64
N VAL A 339 -8.58 4.23 29.16
CA VAL A 339 -7.30 4.69 29.67
C VAL A 339 -6.45 5.27 28.55
N GLN A 340 -6.42 4.61 27.40
CA GLN A 340 -5.68 5.08 26.24
C GLN A 340 -6.63 5.73 25.24
N LYS A 341 -6.04 6.37 24.24
CA LYS A 341 -6.81 7.00 23.17
C LYS A 341 -6.15 6.64 21.84
N ALA A 342 -6.84 5.85 21.04
CA ALA A 342 -6.32 5.39 19.75
C ALA A 342 -7.33 5.72 18.66
N VAL A 343 -6.82 5.95 17.46
CA VAL A 343 -7.66 6.25 16.30
C VAL A 343 -8.16 4.94 15.72
N CYS A 344 -9.47 4.69 15.86
CA CYS A 344 -10.07 3.45 15.36
C CYS A 344 -10.38 3.62 13.88
N HIS A 345 -9.41 3.25 13.05
CA HIS A 345 -9.57 3.22 11.60
C HIS A 345 -8.72 2.09 11.04
N PRO A 346 -9.35 1.07 10.42
CA PRO A 346 -8.57 -0.08 9.93
C PRO A 346 -7.49 0.32 8.94
N THR A 347 -6.23 0.12 9.32
CA THR A 347 -5.10 0.48 8.48
C THR A 347 -4.07 -0.65 8.51
N ALA A 348 -3.42 -0.85 7.37
CA ALA A 348 -2.32 -1.79 7.23
C ALA A 348 -1.02 -1.00 7.17
N TRP A 349 -0.11 -1.28 8.08
CA TRP A 349 1.11 -0.48 8.25
C TRP A 349 2.31 -1.25 7.74
N ASP A 350 3.12 -0.60 6.92
CA ASP A 350 4.38 -1.14 6.43
C ASP A 350 5.45 -0.15 6.88
N LEU A 351 5.94 -0.34 8.11
CA LEU A 351 6.98 0.53 8.64
C LEU A 351 8.32 0.34 7.93
N GLY A 352 8.47 -0.72 7.15
CA GLY A 352 9.72 -1.03 6.52
C GLY A 352 10.65 -1.79 7.43
N LYS A 353 11.77 -2.24 6.85
CA LYS A 353 12.79 -2.99 7.57
C LYS A 353 12.19 -4.21 8.25
N GLY A 354 11.28 -4.89 7.54
CA GLY A 354 10.71 -6.13 8.04
C GLY A 354 9.64 -5.97 9.09
N ASP A 355 9.04 -4.79 9.22
CA ASP A 355 8.03 -4.53 10.23
C ASP A 355 6.68 -4.36 9.56
N PHE A 356 5.73 -5.23 9.93
CA PHE A 356 4.39 -5.20 9.37
C PHE A 356 3.38 -5.28 10.51
N ARG A 357 2.45 -4.33 10.54
CA ARG A 357 1.47 -4.24 11.61
C ARG A 357 0.10 -3.90 11.03
N ILE A 358 -0.93 -4.24 11.78
CA ILE A 358 -2.31 -3.85 11.47
C ILE A 358 -2.91 -3.16 12.68
N LEU A 359 -3.48 -1.99 12.46
CA LEU A 359 -4.14 -1.22 13.51
C LEU A 359 -5.65 -1.33 13.29
N MET A 360 -6.34 -1.99 14.22
CA MET A 360 -7.77 -2.21 14.07
C MET A 360 -8.39 -2.43 15.44
N CYS A 361 -9.46 -1.69 15.72
CA CYS A 361 -10.26 -1.90 16.94
C CYS A 361 -11.27 -2.99 16.64
N THR A 362 -10.76 -4.23 16.61
CA THR A 362 -11.55 -5.36 16.13
C THR A 362 -12.65 -5.72 17.11
N LYS A 363 -13.83 -6.02 16.57
CA LYS A 363 -14.96 -6.55 17.32
C LYS A 363 -15.40 -7.86 16.70
N VAL A 364 -16.26 -8.58 17.41
CA VAL A 364 -16.78 -9.85 16.93
C VAL A 364 -17.93 -9.59 15.97
N THR A 365 -17.63 -9.48 14.68
CA THR A 365 -18.63 -9.15 13.67
C THR A 365 -18.15 -9.69 12.33
N MET A 366 -19.11 -9.97 11.44
CA MET A 366 -18.78 -10.40 10.09
C MET A 366 -18.07 -9.30 9.31
N ASP A 367 -18.48 -8.04 9.52
CA ASP A 367 -17.83 -6.93 8.83
C ASP A 367 -16.35 -6.84 9.20
N ASP A 368 -16.04 -6.94 10.49
CA ASP A 368 -14.65 -6.99 10.91
C ASP A 368 -13.96 -8.25 10.41
N PHE A 369 -14.71 -9.35 10.27
CA PHE A 369 -14.14 -10.58 9.74
C PHE A 369 -13.66 -10.40 8.31
N LEU A 370 -14.42 -9.66 7.49
CA LEU A 370 -13.98 -9.40 6.12
C LEU A 370 -12.90 -8.31 6.08
N THR A 371 -12.98 -7.32 6.97
CA THR A 371 -11.97 -6.28 7.01
C THR A 371 -10.61 -6.85 7.39
N ALA A 372 -10.59 -7.88 8.23
CA ALA A 372 -9.33 -8.55 8.56
C ALA A 372 -8.69 -9.14 7.30
N HIS A 373 -9.50 -9.77 6.45
CA HIS A 373 -8.96 -10.30 5.19
C HIS A 373 -8.49 -9.17 4.28
N HIS A 374 -9.24 -8.07 4.20
CA HIS A 374 -8.80 -6.93 3.40
C HIS A 374 -7.43 -6.44 3.84
N GLU A 375 -7.25 -6.17 5.12
CA GLU A 375 -6.00 -5.61 5.61
C GLU A 375 -4.86 -6.64 5.57
N MET A 376 -5.16 -7.92 5.78
CA MET A 376 -4.10 -8.90 5.68
C MET A 376 -3.68 -9.14 4.24
N GLY A 377 -4.59 -8.99 3.28
CA GLY A 377 -4.19 -8.97 1.88
C GLY A 377 -3.31 -7.78 1.56
N HIS A 378 -3.61 -6.63 2.16
CA HIS A 378 -2.69 -5.50 2.07
C HIS A 378 -1.30 -5.83 2.59
N ILE A 379 -1.24 -6.46 3.78
CA ILE A 379 0.05 -6.81 4.37
C ILE A 379 0.80 -7.80 3.49
N GLN A 380 0.08 -8.79 2.93
CA GLN A 380 0.72 -9.76 2.05
C GLN A 380 1.27 -9.09 0.80
N TYR A 381 0.51 -8.16 0.23
CA TYR A 381 0.98 -7.46 -0.96
C TYR A 381 2.23 -6.65 -0.65
N ASP A 382 2.26 -6.01 0.53
CA ASP A 382 3.46 -5.29 0.95
C ASP A 382 4.63 -6.25 1.14
N MET A 383 4.38 -7.42 1.74
CA MET A 383 5.45 -8.38 1.97
C MET A 383 6.01 -8.93 0.67
N ALA A 384 5.19 -8.97 -0.39
CA ALA A 384 5.63 -9.59 -1.63
C ALA A 384 6.82 -8.86 -2.25
N TYR A 385 6.81 -7.52 -2.22
CA TYR A 385 7.83 -6.73 -2.88
C TYR A 385 8.82 -6.09 -1.90
N ALA A 386 9.03 -6.72 -0.75
CA ALA A 386 9.96 -6.17 0.23
C ALA A 386 11.41 -6.19 -0.26
N ALA A 387 11.73 -7.00 -1.26
CA ALA A 387 13.09 -7.10 -1.76
C ALA A 387 13.42 -6.05 -2.83
N GLN A 388 12.45 -5.29 -3.28
CA GLN A 388 12.68 -4.26 -4.29
C GLN A 388 13.33 -3.04 -3.66
N PRO A 389 13.96 -2.19 -4.47
CA PRO A 389 14.50 -0.93 -3.96
C PRO A 389 13.41 -0.05 -3.35
N PHE A 390 13.86 0.96 -2.60
CA PHE A 390 12.95 1.77 -1.80
C PHE A 390 11.93 2.49 -2.68
N LEU A 391 12.40 3.10 -3.78
CA LEU A 391 11.51 3.88 -4.62
C LEU A 391 10.58 3.04 -5.47
N LEU A 392 10.76 1.72 -5.49
CA LEU A 392 9.92 0.83 -6.29
C LEU A 392 9.02 -0.05 -5.42
N ARG A 393 8.90 0.25 -4.13
CA ARG A 393 8.08 -0.55 -3.21
C ARG A 393 6.71 0.10 -3.05
N ASN A 394 5.84 -0.17 -4.01
CA ASN A 394 4.45 0.28 -4.00
C ASN A 394 3.73 -0.48 -5.11
N GLY A 395 2.43 -0.20 -5.25
CA GLY A 395 1.66 -0.86 -6.29
C GLY A 395 2.10 -0.44 -7.68
N ALA A 396 1.73 -1.27 -8.66
CA ALA A 396 2.10 -0.99 -10.04
C ALA A 396 1.53 0.33 -10.51
N ASN A 397 0.28 0.62 -10.14
CA ASN A 397 -0.32 1.93 -10.32
C ASN A 397 -1.15 2.24 -9.08
N GLU A 398 -1.99 3.26 -9.18
CA GLU A 398 -2.81 3.67 -8.04
C GLU A 398 -4.07 2.84 -7.87
N GLY A 399 -4.33 1.89 -8.77
CA GLY A 399 -5.53 1.08 -8.67
C GLY A 399 -5.27 -0.40 -8.50
N PHE A 400 -4.04 -0.77 -8.13
CA PHE A 400 -3.68 -2.15 -7.88
C PHE A 400 -3.67 -2.53 -6.42
N HIS A 401 -3.43 -1.61 -5.48
CA HIS A 401 -3.25 -2.03 -4.07
C HIS A 401 -4.56 -2.35 -3.37
N GLU A 402 -5.63 -1.66 -3.70
CA GLU A 402 -6.92 -2.04 -3.11
C GLU A 402 -7.59 -3.21 -3.81
N ALA A 403 -7.26 -3.47 -5.08
CA ALA A 403 -7.90 -4.57 -5.79
C ALA A 403 -7.62 -5.92 -5.15
N VAL A 404 -6.40 -6.13 -4.68
CA VAL A 404 -6.06 -7.38 -4.01
C VAL A 404 -6.85 -7.54 -2.72
N GLY A 405 -6.95 -6.47 -1.92
CA GLY A 405 -7.75 -6.53 -0.71
C GLY A 405 -9.19 -6.83 -0.99
N GLU A 406 -9.78 -6.18 -2.00
CA GLU A 406 -11.16 -6.47 -2.34
C GLU A 406 -11.37 -7.91 -2.82
N ILE A 407 -10.48 -8.44 -3.66
CA ILE A 407 -10.70 -9.80 -4.14
C ILE A 407 -10.54 -10.81 -3.01
N MET A 408 -9.52 -10.65 -2.16
CA MET A 408 -9.37 -11.59 -1.06
C MET A 408 -10.35 -11.36 0.07
N SER A 409 -11.11 -10.26 0.04
CA SER A 409 -12.30 -10.15 0.88
C SER A 409 -13.53 -10.79 0.26
N LEU A 410 -13.68 -10.69 -1.06
CA LEU A 410 -14.80 -11.34 -1.75
C LEU A 410 -14.72 -12.85 -1.62
N SER A 411 -13.52 -13.42 -1.73
CA SER A 411 -13.38 -14.86 -1.63
C SER A 411 -13.80 -15.40 -0.27
N ALA A 412 -13.71 -14.59 0.79
CA ALA A 412 -13.99 -15.07 2.13
C ALA A 412 -15.45 -14.93 2.53
N ALA A 413 -16.27 -14.26 1.73
CA ALA A 413 -17.67 -14.07 2.03
C ALA A 413 -18.58 -15.11 1.39
N THR A 414 -18.01 -16.07 0.66
CA THR A 414 -18.84 -17.07 0.00
C THR A 414 -19.42 -18.04 1.02
N PRO A 415 -20.64 -18.52 0.81
CA PRO A 415 -21.21 -19.50 1.75
C PRO A 415 -20.41 -20.77 1.87
N LYS A 416 -19.74 -21.19 0.79
CA LYS A 416 -18.91 -22.40 0.86
C LYS A 416 -17.75 -22.22 1.82
N HIS A 417 -17.09 -21.06 1.79
CA HIS A 417 -15.96 -20.83 2.69
C HIS A 417 -16.40 -20.76 4.14
N LEU A 418 -17.52 -20.09 4.42
CA LEU A 418 -18.04 -20.05 5.78
C LEU A 418 -18.52 -21.41 6.25
N LYS A 419 -18.95 -22.26 5.32
CA LYS A 419 -19.35 -23.63 5.69
C LYS A 419 -18.09 -24.41 6.01
N SER A 420 -17.01 -24.16 5.28
CA SER A 420 -15.79 -24.92 5.51
C SER A 420 -15.19 -24.65 6.89
N ILE A 421 -15.29 -23.41 7.39
CA ILE A 421 -14.71 -23.06 8.68
C ILE A 421 -15.68 -23.26 9.84
N GLY A 422 -16.86 -23.83 9.58
CA GLY A 422 -17.78 -24.17 10.64
C GLY A 422 -18.70 -23.05 11.10
N LEU A 423 -18.66 -21.89 10.46
CA LEU A 423 -19.53 -20.79 10.86
C LEU A 423 -20.98 -20.99 10.42
N LEU A 424 -21.22 -21.82 9.41
CA LEU A 424 -22.56 -22.13 8.95
C LEU A 424 -22.85 -23.61 9.13
N SER A 425 -24.11 -23.93 9.34
CA SER A 425 -24.51 -25.31 9.55
C SER A 425 -24.29 -26.12 8.27
N PRO A 426 -23.84 -27.38 8.39
CA PRO A 426 -23.62 -28.19 7.18
C PRO A 426 -24.86 -28.42 6.35
N ASP A 427 -26.04 -28.46 6.99
CA ASP A 427 -27.28 -28.71 6.27
C ASP A 427 -27.88 -27.43 5.69
N PHE A 428 -27.08 -26.38 5.51
CA PHE A 428 -27.58 -25.13 4.95
C PHE A 428 -27.64 -25.26 3.43
N GLN A 429 -28.83 -25.08 2.87
CA GLN A 429 -29.05 -25.13 1.43
C GLN A 429 -29.38 -23.72 0.95
N GLU A 430 -28.59 -23.23 -0.01
CA GLU A 430 -28.76 -21.87 -0.52
C GLU A 430 -29.67 -21.87 -1.74
N ASP A 431 -30.60 -20.93 -1.76
CA ASP A 431 -31.54 -20.78 -2.85
C ASP A 431 -31.07 -19.71 -3.82
N ASN A 432 -31.87 -19.47 -4.86
CA ASN A 432 -31.56 -18.46 -5.85
C ASN A 432 -32.13 -17.09 -5.51
N GLU A 433 -32.75 -16.95 -4.35
CA GLU A 433 -33.24 -15.67 -3.88
C GLU A 433 -32.18 -14.90 -3.09
N THR A 434 -31.51 -15.58 -2.16
CA THR A 434 -30.38 -14.97 -1.48
C THR A 434 -29.28 -14.60 -2.47
N GLU A 435 -29.15 -15.36 -3.55
CA GLU A 435 -28.24 -15.01 -4.62
C GLU A 435 -28.52 -13.61 -5.15
N ILE A 436 -29.78 -13.34 -5.48
CA ILE A 436 -30.16 -12.05 -6.05
C ILE A 436 -30.03 -10.96 -5.00
N ASN A 437 -30.37 -11.26 -3.74
CA ASN A 437 -30.22 -10.27 -2.68
C ASN A 437 -28.76 -9.83 -2.55
N PHE A 438 -27.84 -10.79 -2.49
CA PHE A 438 -26.43 -10.47 -2.38
C PHE A 438 -25.92 -9.74 -3.62
N LEU A 439 -26.37 -10.16 -4.80
CA LEU A 439 -25.93 -9.52 -6.03
C LEU A 439 -26.38 -8.07 -6.11
N LEU A 440 -27.63 -7.80 -5.71
CA LEU A 440 -28.11 -6.42 -5.74
C LEU A 440 -27.43 -5.57 -4.67
N LYS A 441 -27.15 -6.17 -3.50
CA LYS A 441 -26.39 -5.44 -2.48
C LYS A 441 -25.01 -5.06 -3.00
N GLN A 442 -24.36 -5.97 -3.72
CA GLN A 442 -23.07 -5.64 -4.32
C GLN A 442 -23.20 -4.57 -5.40
N ALA A 443 -24.24 -4.66 -6.23
CA ALA A 443 -24.40 -3.74 -7.34
C ALA A 443 -24.72 -2.32 -6.87
N LEU A 444 -25.42 -2.19 -5.74
CA LEU A 444 -25.75 -0.87 -5.22
C LEU A 444 -24.51 -0.08 -4.84
N THR A 445 -23.41 -0.75 -4.53
CA THR A 445 -22.19 -0.08 -4.10
C THR A 445 -21.05 -0.19 -5.10
N ILE A 446 -21.13 -1.08 -6.08
CA ILE A 446 -20.06 -1.28 -7.06
C ILE A 446 -20.43 -0.68 -8.41
N VAL A 447 -21.61 -1.01 -8.93
CA VAL A 447 -22.01 -0.49 -10.24
C VAL A 447 -22.54 0.93 -10.14
N GLY A 448 -23.09 1.31 -8.99
CA GLY A 448 -23.68 2.63 -8.83
C GLY A 448 -22.70 3.75 -8.59
N THR A 449 -21.40 3.48 -8.51
CA THR A 449 -20.41 4.51 -8.28
C THR A 449 -19.56 4.83 -9.50
N LEU A 450 -19.54 3.95 -10.50
CA LEU A 450 -18.73 4.22 -11.69
C LEU A 450 -19.18 5.45 -12.46
N PRO A 451 -20.48 5.65 -12.76
CA PRO A 451 -20.87 6.88 -13.46
C PRO A 451 -20.52 8.15 -12.70
N PHE A 452 -20.62 8.13 -11.38
CA PHE A 452 -20.27 9.29 -10.58
C PHE A 452 -18.80 9.63 -10.72
N THR A 453 -17.93 8.62 -10.66
CA THR A 453 -16.50 8.84 -10.80
C THR A 453 -16.15 9.35 -12.19
N TYR A 454 -16.74 8.72 -13.23
CA TYR A 454 -16.54 9.21 -14.59
C TYR A 454 -16.94 10.67 -14.73
N MET A 455 -18.13 11.02 -14.25
CA MET A 455 -18.61 12.39 -14.33
C MET A 455 -17.65 13.36 -13.66
N LEU A 456 -17.25 13.05 -12.42
CA LEU A 456 -16.42 13.99 -11.67
C LEU A 456 -15.07 14.18 -12.34
N GLU A 457 -14.43 13.08 -12.74
CA GLU A 457 -13.11 13.19 -13.36
C GLU A 457 -13.18 13.90 -14.70
N LYS A 458 -14.21 13.62 -15.50
CA LYS A 458 -14.34 14.26 -16.79
C LYS A 458 -14.58 15.76 -16.63
N TRP A 459 -15.42 16.15 -15.66
CA TRP A 459 -15.64 17.57 -15.40
C TRP A 459 -14.36 18.26 -14.96
N ARG A 460 -13.59 17.63 -14.07
CA ARG A 460 -12.34 18.23 -13.62
C ARG A 460 -11.34 18.35 -14.77
N TRP A 461 -11.28 17.33 -15.63
CA TRP A 461 -10.38 17.39 -16.78
C TRP A 461 -10.75 18.54 -17.71
N MET A 462 -12.04 18.69 -18.00
CA MET A 462 -12.46 19.80 -18.86
C MET A 462 -12.17 21.14 -18.23
N VAL A 463 -12.40 21.28 -16.91
CA VAL A 463 -12.12 22.54 -16.24
C VAL A 463 -10.63 22.86 -16.30
N PHE A 464 -9.78 21.86 -16.08
CA PHE A 464 -8.35 22.10 -16.12
C PHE A 464 -7.88 22.45 -17.52
N LYS A 465 -8.42 21.79 -18.54
CA LYS A 465 -8.03 22.10 -19.92
C LYS A 465 -8.41 23.52 -20.30
N GLY A 466 -9.59 23.96 -19.89
CA GLY A 466 -10.13 25.24 -20.30
C GLY A 466 -11.29 25.16 -21.27
N GLU A 467 -11.79 23.96 -21.55
CA GLU A 467 -12.94 23.84 -22.45
C GLU A 467 -14.20 24.40 -21.83
N ILE A 468 -14.28 24.43 -20.49
CA ILE A 468 -15.41 24.99 -19.77
C ILE A 468 -15.01 26.38 -19.29
N PRO A 469 -15.62 27.45 -19.81
CA PRO A 469 -15.30 28.78 -19.31
C PRO A 469 -15.68 28.94 -17.84
N LYS A 470 -15.11 29.97 -17.21
CA LYS A 470 -15.31 30.18 -15.78
C LYS A 470 -16.77 30.46 -15.43
N ASP A 471 -17.57 30.91 -16.40
CA ASP A 471 -18.95 31.30 -16.16
C ASP A 471 -19.96 30.22 -16.55
N GLN A 472 -19.50 29.00 -16.83
CA GLN A 472 -20.40 27.91 -17.19
C GLN A 472 -20.13 26.64 -16.38
N TRP A 473 -19.45 26.78 -15.23
CA TRP A 473 -19.06 25.61 -14.46
C TRP A 473 -20.26 24.80 -13.99
N MET A 474 -21.21 25.45 -13.32
CA MET A 474 -22.36 24.74 -12.79
C MET A 474 -23.28 24.26 -13.92
N LYS A 475 -23.40 25.04 -14.98
CA LYS A 475 -24.21 24.63 -16.12
C LYS A 475 -23.69 23.33 -16.71
N LYS A 476 -22.39 23.27 -17.01
CA LYS A 476 -21.81 22.04 -17.54
C LYS A 476 -21.88 20.91 -16.53
N TRP A 477 -21.70 21.22 -15.24
CA TRP A 477 -21.75 20.20 -14.22
C TRP A 477 -23.11 19.50 -14.20
N TRP A 478 -24.19 20.28 -14.20
CA TRP A 478 -25.52 19.68 -14.16
C TRP A 478 -25.93 19.06 -15.49
N GLU A 479 -25.49 19.60 -16.63
CA GLU A 479 -25.74 18.92 -17.89
C GLU A 479 -25.07 17.55 -17.93
N MET A 480 -23.83 17.47 -17.46
CA MET A 480 -23.14 16.18 -17.39
C MET A 480 -23.84 15.24 -16.42
N LYS A 481 -24.31 15.77 -15.29
CA LYS A 481 -25.01 14.92 -14.33
C LYS A 481 -26.28 14.33 -14.93
N ARG A 482 -27.04 15.16 -15.66
CA ARG A 482 -28.26 14.65 -16.28
C ARG A 482 -27.97 13.69 -17.43
N GLU A 483 -26.88 13.91 -18.15
CA GLU A 483 -26.65 13.15 -19.38
C GLU A 483 -25.88 11.85 -19.12
N ILE A 484 -25.03 11.82 -18.09
CA ILE A 484 -24.23 10.64 -17.78
C ILE A 484 -24.77 9.89 -16.56
N VAL A 485 -24.79 10.54 -15.39
CA VAL A 485 -25.18 9.85 -14.17
C VAL A 485 -26.67 9.55 -14.16
N GLY A 486 -27.49 10.49 -14.60
CA GLY A 486 -28.93 10.35 -14.55
C GLY A 486 -29.59 10.95 -13.33
N VAL A 487 -28.96 11.92 -12.68
CA VAL A 487 -29.52 12.58 -11.52
C VAL A 487 -29.72 14.05 -11.84
N VAL A 488 -30.69 14.66 -11.17
CA VAL A 488 -31.10 16.04 -11.44
C VAL A 488 -31.15 16.80 -10.13
N GLU A 489 -30.76 18.07 -10.16
CA GLU A 489 -30.79 18.90 -8.97
C GLU A 489 -32.24 19.17 -8.56
N PRO A 490 -32.53 19.25 -7.26
CA PRO A 490 -33.89 19.58 -6.82
C PRO A 490 -34.18 21.08 -6.90
N VAL A 491 -33.16 21.90 -6.75
CA VAL A 491 -33.30 23.35 -6.81
C VAL A 491 -32.26 23.90 -7.77
N PRO A 492 -32.53 24.99 -8.47
CA PRO A 492 -31.56 25.50 -9.45
C PRO A 492 -30.38 26.19 -8.78
N HIS A 493 -29.22 26.04 -9.39
CA HIS A 493 -27.97 26.60 -8.89
C HIS A 493 -27.36 27.52 -9.94
N ASP A 494 -26.96 28.71 -9.49
CA ASP A 494 -26.33 29.70 -10.35
C ASP A 494 -24.81 29.58 -10.25
N GLU A 495 -24.10 30.56 -10.80
CA GLU A 495 -22.65 30.54 -10.82
C GLU A 495 -22.03 30.96 -9.49
N THR A 496 -22.84 31.24 -8.47
CA THR A 496 -22.30 31.57 -7.16
C THR A 496 -21.99 30.34 -6.32
N TYR A 497 -22.40 29.16 -6.75
CA TYR A 497 -22.17 27.91 -6.02
C TYR A 497 -21.01 27.14 -6.62
N CYS A 498 -20.39 26.29 -5.79
CA CYS A 498 -19.39 25.32 -6.25
C CYS A 498 -19.79 23.97 -5.67
N ASP A 499 -20.68 23.27 -6.37
CA ASP A 499 -21.15 21.98 -5.91
C ASP A 499 -20.06 20.90 -5.87
N PRO A 500 -19.19 20.76 -6.86
CA PRO A 500 -18.14 19.73 -6.75
C PRO A 500 -17.23 19.91 -5.56
N ALA A 501 -17.00 21.15 -5.12
CA ALA A 501 -16.14 21.41 -3.98
C ALA A 501 -16.70 20.90 -2.67
N SER A 502 -17.99 20.53 -2.63
CA SER A 502 -18.59 20.01 -1.41
C SER A 502 -18.05 18.63 -1.04
N LEU A 503 -17.54 17.87 -2.02
CA LEU A 503 -16.98 16.56 -1.74
C LEU A 503 -15.60 16.70 -1.10
N PHE A 504 -15.22 15.65 -0.35
CA PHE A 504 -13.94 15.67 0.35
C PHE A 504 -12.76 15.70 -0.61
N HIS A 505 -12.86 14.96 -1.72
CA HIS A 505 -11.72 14.80 -2.63
C HIS A 505 -11.51 15.99 -3.55
N VAL A 506 -12.38 16.99 -3.52
CA VAL A 506 -12.18 18.20 -4.33
C VAL A 506 -11.67 19.35 -3.48
N SER A 507 -12.23 19.54 -2.29
CA SER A 507 -11.69 20.55 -1.36
C SER A 507 -10.27 20.21 -0.96
N ASN A 508 -10.00 18.93 -0.70
CA ASN A 508 -8.65 18.43 -0.49
C ASN A 508 -8.13 17.87 -1.81
N ASP A 509 -6.93 18.28 -2.19
CA ASP A 509 -6.38 17.96 -3.52
C ASP A 509 -6.11 16.47 -3.60
N TYR A 510 -7.00 15.74 -4.28
CA TYR A 510 -6.87 14.30 -4.44
C TYR A 510 -7.43 13.89 -5.80
N SER A 511 -6.89 12.80 -6.35
CA SER A 511 -7.38 12.23 -7.60
C SER A 511 -8.62 11.39 -7.33
N PHE A 512 -9.32 11.02 -8.41
CA PHE A 512 -10.57 10.30 -8.26
C PHE A 512 -10.76 9.12 -9.21
N ILE A 513 -9.96 8.98 -10.28
CA ILE A 513 -10.16 7.89 -11.24
C ILE A 513 -9.62 6.56 -10.74
N ARG A 514 -8.86 6.56 -9.64
CA ARG A 514 -8.32 5.32 -9.11
C ARG A 514 -9.42 4.36 -8.70
N TYR A 515 -10.58 4.88 -8.28
CA TYR A 515 -11.69 4.00 -7.90
C TYR A 515 -12.25 3.27 -9.11
N TYR A 516 -12.44 3.97 -10.21
CA TYR A 516 -12.87 3.33 -11.46
C TYR A 516 -11.89 2.27 -11.91
N THR A 517 -10.60 2.62 -11.93
CA THR A 517 -9.59 1.66 -12.38
C THR A 517 -9.53 0.43 -11.47
N ARG A 518 -9.58 0.63 -10.15
CA ARG A 518 -9.56 -0.49 -9.21
C ARG A 518 -10.79 -1.37 -9.36
N THR A 519 -11.96 -0.75 -9.54
CA THR A 519 -13.18 -1.54 -9.70
C THR A 519 -13.13 -2.39 -10.95
N LEU A 520 -12.54 -1.89 -12.03
CA LEU A 520 -12.39 -2.76 -13.20
C LEU A 520 -11.28 -3.80 -13.02
N TYR A 521 -10.21 -3.47 -12.28
CA TYR A 521 -9.09 -4.40 -12.17
C TYR A 521 -9.43 -5.59 -11.29
N GLN A 522 -10.22 -5.37 -10.24
CA GLN A 522 -10.43 -6.42 -9.25
C GLN A 522 -11.19 -7.61 -9.83
N PHE A 523 -12.17 -7.35 -10.69
CA PHE A 523 -12.92 -8.47 -11.27
C PHE A 523 -12.12 -9.21 -12.33
N GLN A 524 -11.24 -8.51 -13.05
CA GLN A 524 -10.31 -9.19 -13.92
C GLN A 524 -9.42 -10.15 -13.13
N PHE A 525 -8.87 -9.67 -12.02
CA PHE A 525 -8.05 -10.53 -11.17
C PHE A 525 -8.84 -11.72 -10.66
N GLN A 526 -10.07 -11.48 -10.20
CA GLN A 526 -10.89 -12.56 -9.66
C GLN A 526 -11.20 -13.60 -10.72
N GLU A 527 -11.57 -13.17 -11.94
CA GLU A 527 -11.87 -14.11 -12.99
C GLU A 527 -10.64 -14.93 -13.37
N ALA A 528 -9.47 -14.29 -13.45
CA ALA A 528 -8.25 -15.02 -13.78
C ALA A 528 -7.94 -16.08 -12.72
N LEU A 529 -8.01 -15.69 -11.44
CA LEU A 529 -7.70 -16.64 -10.38
C LEU A 529 -8.73 -17.76 -10.30
N CYS A 530 -10.01 -17.47 -10.57
CA CYS A 530 -11.03 -18.50 -10.52
C CYS A 530 -10.89 -19.47 -11.69
N GLN A 531 -10.51 -18.97 -12.88
CA GLN A 531 -10.21 -19.87 -13.97
C GLN A 531 -8.99 -20.73 -13.66
N ALA A 532 -8.00 -20.17 -12.96
CA ALA A 532 -6.85 -20.96 -12.55
C ALA A 532 -7.18 -21.98 -11.47
N ALA A 533 -8.33 -21.86 -10.81
CA ALA A 533 -8.72 -22.75 -9.73
C ALA A 533 -9.72 -23.82 -10.17
N LYS A 534 -9.98 -23.95 -11.46
CA LYS A 534 -10.89 -24.95 -12.00
C LYS A 534 -12.27 -24.85 -11.36
N HIS A 535 -12.75 -23.62 -11.19
CA HIS A 535 -14.08 -23.39 -10.62
C HIS A 535 -15.13 -23.51 -11.71
N GLU A 536 -16.16 -24.31 -11.44
CA GLU A 536 -17.27 -24.52 -12.37
C GLU A 536 -18.53 -23.91 -11.78
N GLY A 537 -19.15 -23.00 -12.52
CA GLY A 537 -20.35 -22.34 -12.07
C GLY A 537 -20.25 -20.83 -12.17
N PRO A 538 -21.18 -20.12 -11.54
CA PRO A 538 -21.13 -18.66 -11.56
C PRO A 538 -19.86 -18.13 -10.90
N LEU A 539 -19.38 -17.00 -11.41
CA LEU A 539 -18.15 -16.41 -10.89
C LEU A 539 -18.32 -15.88 -9.47
N HIS A 540 -19.54 -15.52 -9.08
CA HIS A 540 -19.77 -14.96 -7.76
C HIS A 540 -19.77 -16.01 -6.66
N LYS A 541 -19.72 -17.29 -7.00
CA LYS A 541 -19.61 -18.38 -6.03
C LYS A 541 -18.18 -18.90 -5.92
N CYS A 542 -17.19 -18.05 -6.09
CA CYS A 542 -15.81 -18.48 -6.23
C CYS A 542 -15.08 -18.40 -4.89
N ASP A 543 -14.45 -19.51 -4.51
CA ASP A 543 -13.54 -19.55 -3.37
C ASP A 543 -12.20 -20.07 -3.89
N ILE A 544 -11.15 -19.26 -3.72
CA ILE A 544 -9.82 -19.63 -4.20
C ILE A 544 -9.01 -20.35 -3.13
N SER A 545 -9.65 -20.77 -2.05
CA SER A 545 -8.97 -21.54 -1.02
C SER A 545 -8.55 -22.90 -1.56
N ASN A 546 -7.47 -23.43 -0.98
CA ASN A 546 -6.94 -24.75 -1.35
C ASN A 546 -6.58 -24.81 -2.84
N SER A 547 -5.98 -23.73 -3.35
CA SER A 547 -5.57 -23.66 -4.75
C SER A 547 -4.17 -23.07 -4.80
N THR A 548 -3.17 -23.94 -4.92
CA THR A 548 -1.79 -23.47 -5.02
C THR A 548 -1.49 -22.86 -6.39
N GLU A 549 -2.15 -23.36 -7.44
CA GLU A 549 -1.95 -22.80 -8.77
C GLU A 549 -2.44 -21.36 -8.86
N ALA A 550 -3.55 -21.04 -8.21
CA ALA A 550 -4.05 -19.67 -8.21
C ALA A 550 -3.15 -18.72 -7.44
N GLY A 551 -2.58 -19.16 -6.32
CA GLY A 551 -1.72 -18.32 -5.51
C GLY A 551 -0.43 -17.93 -6.20
N GLN A 552 0.19 -18.88 -6.90
CA GLN A 552 1.44 -18.59 -7.60
C GLN A 552 1.21 -17.56 -8.71
N LYS A 553 0.09 -17.66 -9.41
CA LYS A 553 -0.21 -16.73 -10.49
C LYS A 553 -0.34 -15.30 -9.96
N LEU A 554 -0.97 -15.14 -8.79
CA LEU A 554 -1.06 -13.82 -8.18
C LEU A 554 0.28 -13.35 -7.64
N PHE A 555 1.05 -14.26 -7.04
CA PHE A 555 2.35 -13.89 -6.50
C PHE A 555 3.31 -13.45 -7.57
N ASN A 556 3.19 -14.01 -8.79
CA ASN A 556 4.06 -13.59 -9.88
C ASN A 556 3.90 -12.11 -10.21
N MET A 557 2.75 -11.53 -9.92
CA MET A 557 2.52 -10.10 -10.09
C MET A 557 2.81 -9.32 -8.82
N LEU A 558 2.54 -9.93 -7.66
CA LEU A 558 2.67 -9.20 -6.40
C LEU A 558 4.11 -8.79 -6.10
N ARG A 559 5.10 -9.53 -6.60
CA ARG A 559 6.49 -9.26 -6.25
C ARG A 559 7.11 -8.17 -7.12
N LEU A 560 6.42 -7.69 -8.16
CA LEU A 560 7.04 -6.78 -9.10
C LEU A 560 7.21 -5.38 -8.52
N GLY A 561 6.19 -4.88 -7.81
CA GLY A 561 6.24 -3.49 -7.38
C GLY A 561 6.02 -2.57 -8.58
N LYS A 562 6.83 -1.52 -8.66
CA LYS A 562 6.84 -0.66 -9.84
C LYS A 562 7.99 -0.99 -10.78
N SER A 563 8.68 -2.11 -10.57
CA SER A 563 9.84 -2.44 -11.41
C SER A 563 9.44 -2.66 -12.86
N GLU A 564 8.19 -2.99 -13.14
CA GLU A 564 7.71 -3.23 -14.48
C GLU A 564 6.48 -2.38 -14.75
N PRO A 565 6.21 -2.04 -16.02
CA PRO A 565 4.99 -1.31 -16.34
C PRO A 565 3.75 -2.09 -15.94
N TRP A 566 2.70 -1.37 -15.55
CA TRP A 566 1.49 -2.02 -15.09
C TRP A 566 0.82 -2.83 -16.19
N THR A 567 1.15 -2.57 -17.45
CA THR A 567 0.67 -3.41 -18.54
C THR A 567 1.17 -4.84 -18.39
N LEU A 568 2.47 -5.01 -18.20
CA LEU A 568 3.05 -6.33 -18.03
C LEU A 568 2.59 -6.97 -16.73
N ALA A 569 2.45 -6.18 -15.67
CA ALA A 569 1.96 -6.71 -14.41
C ALA A 569 0.53 -7.24 -14.55
N LEU A 570 -0.32 -6.51 -15.26
CA LEU A 570 -1.67 -7.00 -15.52
C LEU A 570 -1.65 -8.25 -16.40
N GLU A 571 -0.79 -8.27 -17.41
CA GLU A 571 -0.71 -9.42 -18.30
C GLU A 571 -0.24 -10.68 -17.57
N ASN A 572 0.58 -10.51 -16.53
CA ASN A 572 1.04 -11.67 -15.76
C ASN A 572 -0.11 -12.44 -15.15
N VAL A 573 -1.19 -11.76 -14.77
CA VAL A 573 -2.30 -12.38 -14.09
C VAL A 573 -3.46 -12.68 -15.04
N VAL A 574 -3.90 -11.69 -15.81
CA VAL A 574 -5.11 -11.84 -16.62
C VAL A 574 -4.81 -12.23 -18.06
N GLY A 575 -3.55 -12.24 -18.48
CA GLY A 575 -3.23 -12.53 -19.86
C GLY A 575 -3.74 -11.51 -20.85
N ALA A 576 -3.81 -10.25 -20.44
CA ALA A 576 -4.26 -9.17 -21.31
C ALA A 576 -3.50 -7.91 -20.95
N LYS A 577 -3.30 -7.04 -21.94
CA LYS A 577 -2.49 -5.85 -21.77
C LYS A 577 -3.29 -4.61 -21.41
N ASN A 578 -4.61 -4.66 -21.45
CA ASN A 578 -5.43 -3.47 -21.28
C ASN A 578 -6.58 -3.75 -20.31
N MET A 579 -7.08 -2.66 -19.73
CA MET A 579 -8.22 -2.73 -18.83
C MET A 579 -9.47 -3.17 -19.59
N ASN A 580 -10.25 -4.04 -18.95
CA ASN A 580 -11.42 -4.64 -19.60
C ASN A 580 -12.59 -4.63 -18.63
N VAL A 581 -13.79 -4.68 -19.19
CA VAL A 581 -15.02 -4.65 -18.39
C VAL A 581 -15.84 -5.92 -18.53
N ARG A 582 -15.55 -6.78 -19.50
CA ARG A 582 -16.30 -8.03 -19.63
C ARG A 582 -16.27 -8.90 -18.38
N PRO A 583 -15.14 -9.06 -17.67
CA PRO A 583 -15.21 -9.80 -16.39
C PRO A 583 -16.19 -9.22 -15.40
N LEU A 584 -16.31 -7.89 -15.35
CA LEU A 584 -17.29 -7.26 -14.47
C LEU A 584 -18.71 -7.63 -14.89
N LEU A 585 -18.97 -7.64 -16.20
CA LEU A 585 -20.32 -7.96 -16.68
C LEU A 585 -20.65 -9.43 -16.43
N ASN A 586 -19.68 -10.33 -16.54
CA ASN A 586 -19.93 -11.74 -16.27
C ASN A 586 -20.28 -11.96 -14.81
N TYR A 587 -19.78 -11.11 -13.91
CA TYR A 587 -20.06 -11.26 -12.49
C TYR A 587 -21.52 -10.96 -12.17
N PHE A 588 -22.13 -10.03 -12.91
CA PHE A 588 -23.50 -9.58 -12.64
C PHE A 588 -24.49 -10.13 -13.66
N GLU A 589 -24.14 -11.21 -14.35
CA GLU A 589 -25.04 -11.75 -15.38
C GLU A 589 -26.37 -12.25 -14.82
N PRO A 590 -26.42 -13.05 -13.75
CA PRO A 590 -27.75 -13.44 -13.23
C PRO A 590 -28.59 -12.26 -12.80
N LEU A 591 -27.96 -11.26 -12.16
CA LEU A 591 -28.70 -10.06 -11.78
C LEU A 591 -29.17 -9.31 -13.02
N PHE A 592 -28.35 -9.29 -14.08
CA PHE A 592 -28.76 -8.63 -15.31
C PHE A 592 -29.98 -9.30 -15.92
N THR A 593 -29.99 -10.63 -15.95
CA THR A 593 -31.15 -11.35 -16.49
C THR A 593 -32.39 -11.12 -15.64
N TRP A 594 -32.23 -11.13 -14.31
CA TRP A 594 -33.36 -10.88 -13.43
C TRP A 594 -33.92 -9.46 -13.64
N LEU A 595 -33.03 -8.47 -13.77
CA LEU A 595 -33.47 -7.11 -14.00
C LEU A 595 -34.16 -6.95 -15.34
N LYS A 596 -33.65 -7.62 -16.38
CA LYS A 596 -34.30 -7.56 -17.68
C LYS A 596 -35.70 -8.18 -17.62
N ASP A 597 -35.85 -9.29 -16.88
CA ASP A 597 -37.16 -9.89 -16.72
C ASP A 597 -38.10 -8.97 -15.94
N GLN A 598 -37.59 -8.31 -14.91
CA GLN A 598 -38.42 -7.45 -14.07
C GLN A 598 -38.74 -6.10 -14.71
N ASN A 599 -37.97 -5.69 -15.72
CA ASN A 599 -38.17 -4.41 -16.37
C ASN A 599 -38.97 -4.52 -17.66
N LYS A 600 -39.58 -5.68 -17.92
CA LYS A 600 -40.32 -5.87 -19.16
C LYS A 600 -41.55 -4.97 -19.25
N ASN A 601 -42.03 -4.44 -18.13
CA ASN A 601 -43.21 -3.58 -18.11
C ASN A 601 -42.89 -2.16 -17.63
N SER A 602 -41.62 -1.77 -17.69
CA SER A 602 -41.19 -0.43 -17.28
C SER A 602 -40.36 0.19 -18.39
N PHE A 603 -39.94 1.43 -18.17
CA PHE A 603 -39.12 2.17 -19.13
C PHE A 603 -37.68 2.19 -18.66
N VAL A 604 -36.76 1.89 -19.58
CA VAL A 604 -35.33 1.93 -19.31
C VAL A 604 -34.75 3.14 -20.01
N GLY A 605 -34.11 4.02 -19.26
CA GLY A 605 -33.61 5.28 -19.76
C GLY A 605 -34.21 6.46 -19.04
N TRP A 606 -33.67 7.64 -19.36
CA TRP A 606 -34.10 8.87 -18.71
C TRP A 606 -34.08 10.01 -19.72
N SER A 607 -34.84 11.06 -19.39
CA SER A 607 -34.93 12.26 -20.20
C SER A 607 -34.33 13.43 -19.45
N THR A 608 -33.48 14.19 -20.14
CA THR A 608 -32.80 15.33 -19.51
C THR A 608 -33.74 16.49 -19.21
N ASP A 609 -34.83 16.61 -19.98
CA ASP A 609 -35.69 17.79 -19.88
C ASP A 609 -36.35 17.91 -18.52
N TRP A 610 -36.83 16.79 -17.97
CA TRP A 610 -37.63 16.84 -16.75
C TRP A 610 -36.78 17.22 -15.55
N SER A 611 -37.28 18.17 -14.76
CA SER A 611 -36.65 18.60 -13.53
C SER A 611 -37.71 18.76 -12.45
N PRO A 612 -37.38 18.49 -11.19
CA PRO A 612 -38.37 18.62 -10.11
C PRO A 612 -38.97 20.00 -9.99
N TYR A 613 -38.20 21.06 -10.24
CA TYR A 613 -38.67 22.43 -10.05
C TYR A 613 -39.29 23.03 -11.30
N ALA A 614 -39.40 22.28 -12.38
CA ALA A 614 -40.00 22.79 -13.61
C ALA A 614 -41.49 23.06 -13.43
N THR B 15 45.90 -30.06 32.29
CA THR B 15 45.85 -29.93 30.84
C THR B 15 45.36 -28.54 30.44
N ASN B 16 46.08 -27.90 29.51
CA ASN B 16 45.74 -26.56 29.03
C ASN B 16 44.79 -26.70 27.86
N LEU B 17 43.48 -26.70 28.16
CA LEU B 17 42.47 -26.78 27.11
C LEU B 17 42.46 -25.50 26.28
N CYS B 18 42.18 -25.65 25.00
CA CYS B 18 42.04 -24.49 24.12
C CYS B 18 40.78 -23.73 24.51
N PRO B 19 40.88 -22.45 24.87
CA PRO B 19 39.70 -21.70 25.37
C PRO B 19 38.78 -21.20 24.27
N PHE B 20 37.96 -22.10 23.74
CA PHE B 20 36.94 -21.71 22.76
C PHE B 20 35.67 -21.24 23.46
N ASP B 21 35.84 -20.31 24.41
CA ASP B 21 34.72 -19.75 25.14
C ASP B 21 34.90 -18.27 25.46
N GLU B 22 35.99 -17.64 25.02
CA GLU B 22 36.22 -16.23 25.30
C GLU B 22 35.73 -15.31 24.18
N VAL B 23 35.71 -15.79 22.93
CA VAL B 23 35.23 -15.00 21.81
C VAL B 23 33.76 -15.29 21.58
N PHE B 24 33.33 -16.52 21.88
CA PHE B 24 31.93 -16.89 21.74
C PHE B 24 31.04 -16.16 22.74
N ASN B 25 31.60 -15.63 23.81
CA ASN B 25 30.80 -15.11 24.92
C ASN B 25 31.28 -13.73 25.35
N ALA B 26 31.85 -12.98 24.40
CA ALA B 26 32.39 -11.66 24.71
C ALA B 26 31.26 -10.66 24.94
N THR B 27 31.65 -9.49 25.46
CA THR B 27 30.66 -8.46 25.79
C THR B 27 30.21 -7.69 24.55
N ARG B 28 31.15 -7.04 23.86
CA ARG B 28 30.85 -6.25 22.68
C ARG B 28 31.73 -6.71 21.52
N PHE B 29 31.11 -6.97 20.38
CA PHE B 29 31.83 -7.43 19.20
C PHE B 29 32.34 -6.24 18.39
N ALA B 30 32.95 -6.52 17.25
CA ALA B 30 33.52 -5.52 16.37
C ALA B 30 32.65 -5.32 15.14
N SER B 31 32.91 -4.23 14.43
CA SER B 31 32.19 -3.94 13.20
C SER B 31 32.65 -4.87 12.09
N VAL B 32 31.89 -4.87 10.99
CA VAL B 32 32.17 -5.79 9.89
C VAL B 32 33.46 -5.42 9.19
N TYR B 33 33.67 -4.13 8.91
CA TYR B 33 34.86 -3.72 8.18
C TYR B 33 36.12 -3.85 9.02
N ALA B 34 36.03 -3.64 10.32
CA ALA B 34 37.16 -3.78 11.23
C ALA B 34 36.93 -5.03 12.06
N TRP B 35 37.37 -6.16 11.53
CA TRP B 35 37.16 -7.46 12.15
C TRP B 35 38.45 -7.96 12.81
N ASN B 36 38.33 -8.40 14.06
CA ASN B 36 39.47 -8.80 14.85
C ASN B 36 39.84 -10.26 14.60
N ARG B 37 41.08 -10.60 14.96
CA ARG B 37 41.60 -11.95 14.80
C ARG B 37 42.14 -12.44 16.13
N LYS B 38 41.75 -13.65 16.52
CA LYS B 38 42.26 -14.31 17.71
C LYS B 38 42.88 -15.64 17.30
N ARG B 39 44.15 -15.82 17.64
CA ARG B 39 44.86 -17.04 17.29
C ARG B 39 44.85 -18.02 18.46
N ILE B 40 44.84 -19.31 18.13
CA ILE B 40 44.78 -20.38 19.12
C ILE B 40 45.91 -21.36 18.81
N SER B 41 46.78 -21.60 19.80
CA SER B 41 47.90 -22.50 19.62
C SER B 41 48.39 -22.96 20.99
N ASN B 42 49.18 -24.03 20.96
CA ASN B 42 49.81 -24.59 22.17
C ASN B 42 48.78 -24.96 23.23
N CYS B 43 47.74 -25.69 22.80
CA CYS B 43 46.71 -26.16 23.71
C CYS B 43 46.00 -27.34 23.08
N VAL B 44 45.23 -28.05 23.90
CA VAL B 44 44.38 -29.15 23.44
C VAL B 44 42.98 -28.63 23.23
N ALA B 45 42.38 -28.96 22.09
CA ALA B 45 41.10 -28.41 21.69
C ALA B 45 39.98 -29.39 22.01
N ASP B 46 38.95 -28.91 22.71
CA ASP B 46 37.77 -29.68 23.05
C ASP B 46 36.57 -29.02 22.40
N TYR B 47 35.99 -29.67 21.40
CA TYR B 47 34.86 -29.13 20.66
C TYR B 47 33.52 -29.41 21.33
N SER B 48 33.51 -30.15 22.43
CA SER B 48 32.26 -30.42 23.13
C SER B 48 31.67 -29.14 23.71
N VAL B 49 32.52 -28.27 24.27
CA VAL B 49 32.04 -27.01 24.83
C VAL B 49 31.49 -26.08 23.76
N LEU B 50 31.88 -26.28 22.50
CA LEU B 50 31.33 -25.47 21.42
C LEU B 50 29.85 -25.72 21.20
N TYR B 51 29.33 -26.86 21.65
CA TYR B 51 27.91 -27.18 21.47
C TYR B 51 27.00 -26.35 22.36
N ASN B 52 27.56 -25.57 23.29
CA ASN B 52 26.75 -24.71 24.13
C ASN B 52 26.01 -23.68 23.28
N PHE B 53 25.05 -22.99 23.91
CA PHE B 53 24.15 -22.06 23.22
C PHE B 53 23.40 -22.79 22.10
N ALA B 54 22.55 -23.73 22.53
CA ALA B 54 21.89 -24.65 21.60
C ALA B 54 21.22 -23.98 20.41
N PRO B 55 20.47 -22.87 20.54
CA PRO B 55 19.88 -22.26 19.34
C PRO B 55 20.91 -21.66 18.39
N PHE B 56 21.09 -22.27 17.23
CA PHE B 56 21.97 -21.77 16.18
C PHE B 56 21.15 -21.46 14.94
N PHE B 57 21.36 -20.28 14.37
CA PHE B 57 20.69 -19.91 13.14
C PHE B 57 21.26 -20.67 11.94
N ALA B 58 22.59 -20.74 11.86
CA ALA B 58 23.25 -21.40 10.73
C ALA B 58 24.53 -22.05 11.23
N PHE B 59 24.67 -23.35 10.98
CA PHE B 59 25.86 -24.12 11.36
C PHE B 59 26.24 -24.99 10.16
N LYS B 60 27.15 -24.49 9.34
CA LYS B 60 27.61 -25.19 8.16
C LYS B 60 29.13 -25.31 8.19
N CYS B 61 29.63 -26.48 7.80
CA CYS B 61 31.06 -26.74 7.70
C CYS B 61 31.43 -27.03 6.26
N TYR B 62 32.50 -26.38 5.79
CA TYR B 62 33.02 -26.59 4.45
C TYR B 62 34.41 -27.20 4.56
N GLY B 63 34.59 -28.35 3.92
CA GLY B 63 35.85 -29.07 4.01
C GLY B 63 35.79 -30.26 4.95
N VAL B 64 36.34 -30.11 6.15
CA VAL B 64 36.39 -31.18 7.14
C VAL B 64 34.99 -31.43 7.69
N SER B 65 34.83 -32.55 8.40
CA SER B 65 33.54 -32.91 9.00
C SER B 65 33.55 -32.61 10.49
N PRO B 66 32.45 -32.08 11.02
CA PRO B 66 32.40 -31.78 12.46
C PRO B 66 32.58 -32.99 13.35
N THR B 67 32.07 -34.15 12.94
CA THR B 67 32.20 -35.34 13.77
C THR B 67 33.65 -35.80 13.87
N LYS B 68 34.38 -35.75 12.77
CA LYS B 68 35.77 -36.20 12.74
C LYS B 68 36.75 -35.09 13.05
N LEU B 69 36.28 -33.88 13.37
CA LEU B 69 37.19 -32.78 13.68
C LEU B 69 37.90 -32.97 15.01
N ASN B 70 37.37 -33.81 15.89
CA ASN B 70 37.98 -33.99 17.21
C ASN B 70 39.33 -34.69 17.10
N ASP B 71 39.39 -35.80 16.36
CA ASP B 71 40.62 -36.60 16.26
C ASP B 71 41.44 -36.18 15.04
N LEU B 72 41.78 -34.89 15.00
CA LEU B 72 42.61 -34.33 13.95
C LEU B 72 43.54 -33.29 14.56
N CYS B 73 44.81 -33.35 14.19
CA CYS B 73 45.82 -32.42 14.69
C CYS B 73 46.27 -31.49 13.58
N PHE B 74 46.20 -30.19 13.85
CA PHE B 74 46.60 -29.16 12.90
C PHE B 74 47.70 -28.30 13.51
N THR B 75 48.06 -27.22 12.81
CA THR B 75 49.12 -26.32 13.25
C THR B 75 48.57 -25.10 13.99
N ASN B 76 47.64 -24.37 13.39
CA ASN B 76 47.06 -23.20 14.00
C ASN B 76 45.59 -23.07 13.62
N VAL B 77 44.82 -22.43 14.48
CA VAL B 77 43.39 -22.19 14.26
C VAL B 77 43.13 -20.70 14.46
N TYR B 78 42.44 -20.08 13.51
CA TYR B 78 42.13 -18.67 13.54
C TYR B 78 40.62 -18.48 13.62
N ALA B 79 40.18 -17.64 14.55
CA ALA B 79 38.77 -17.31 14.71
C ALA B 79 38.57 -15.81 14.55
N ASP B 80 37.61 -15.43 13.72
CA ASP B 80 37.30 -14.02 13.46
C ASP B 80 35.86 -13.74 13.82
N SER B 81 35.62 -12.60 14.45
CA SER B 81 34.32 -12.27 15.01
C SER B 81 33.77 -11.00 14.37
N PHE B 82 32.53 -11.07 13.89
CA PHE B 82 31.82 -9.90 13.37
C PHE B 82 30.33 -10.21 13.44
N VAL B 83 29.52 -9.15 13.35
CA VAL B 83 28.07 -9.26 13.41
C VAL B 83 27.47 -8.48 12.24
N ILE B 84 26.46 -9.08 11.60
CA ILE B 84 25.82 -8.54 10.42
C ILE B 84 24.31 -8.71 10.58
N ARG B 85 23.57 -8.32 9.55
CA ARG B 85 22.13 -8.49 9.57
C ARG B 85 21.74 -9.89 9.07
N GLY B 86 20.45 -10.19 9.16
CA GLY B 86 20.00 -11.55 8.90
C GLY B 86 20.18 -11.99 7.47
N ASN B 87 19.85 -11.13 6.50
CA ASN B 87 19.85 -11.50 5.10
C ASN B 87 21.24 -11.40 4.46
N GLU B 88 22.29 -11.34 5.26
CA GLU B 88 23.66 -11.30 4.75
C GLU B 88 24.50 -12.49 5.20
N VAL B 89 23.96 -13.37 6.04
CA VAL B 89 24.71 -14.55 6.47
C VAL B 89 24.99 -15.46 5.28
N SER B 90 24.13 -15.41 4.25
CA SER B 90 24.33 -16.22 3.05
C SER B 90 25.63 -15.88 2.33
N GLN B 91 26.19 -14.70 2.58
CA GLN B 91 27.40 -14.25 1.89
C GLN B 91 28.67 -14.58 2.65
N ILE B 92 28.60 -15.46 3.64
CA ILE B 92 29.78 -15.87 4.39
C ILE B 92 30.09 -17.29 3.91
N ALA B 93 29.69 -17.58 2.69
CA ALA B 93 29.92 -18.80 1.95
C ALA B 93 30.90 -18.53 0.80
N PRO B 94 31.67 -19.54 0.36
CA PRO B 94 32.62 -19.27 -0.71
C PRO B 94 31.95 -19.18 -2.07
N GLY B 95 32.54 -18.36 -2.93
CA GLY B 95 31.97 -18.11 -4.25
C GLY B 95 30.64 -17.38 -4.23
N GLN B 96 30.49 -16.41 -3.34
CA GLN B 96 29.27 -15.64 -3.20
C GLN B 96 29.56 -14.16 -3.38
N THR B 97 28.67 -13.45 -4.05
CA THR B 97 28.85 -12.04 -4.38
C THR B 97 27.82 -11.19 -3.66
N GLY B 98 28.29 -10.09 -3.09
CA GLY B 98 27.42 -9.16 -2.39
C GLY B 98 28.24 -8.03 -1.80
N ASN B 99 27.54 -7.06 -1.23
CA ASN B 99 28.22 -5.90 -0.65
C ASN B 99 29.13 -6.31 0.50
N ILE B 100 28.62 -7.17 1.40
CA ILE B 100 29.47 -7.71 2.45
C ILE B 100 30.48 -8.69 1.88
N ALA B 101 30.04 -9.52 0.92
CA ALA B 101 30.89 -10.57 0.37
C ALA B 101 32.00 -10.03 -0.52
N ASP B 102 31.97 -8.76 -0.90
CA ASP B 102 32.96 -8.20 -1.80
C ASP B 102 33.86 -7.16 -1.15
N TYR B 103 33.32 -6.36 -0.23
CA TYR B 103 34.02 -5.19 0.26
C TYR B 103 34.39 -5.27 1.74
N ASN B 104 33.88 -6.26 2.47
CA ASN B 104 34.12 -6.37 3.91
C ASN B 104 34.82 -7.65 4.30
N TYR B 105 34.35 -8.80 3.79
CA TYR B 105 34.93 -10.09 4.17
C TYR B 105 34.88 -11.02 2.97
N LYS B 106 35.98 -11.73 2.74
CA LYS B 106 36.10 -12.67 1.62
C LYS B 106 36.54 -14.02 2.15
N LEU B 107 35.93 -15.08 1.62
CA LEU B 107 36.32 -16.44 1.96
C LEU B 107 36.82 -17.14 0.71
N PRO B 108 37.96 -17.83 0.77
CA PRO B 108 38.53 -18.43 -0.43
C PRO B 108 37.68 -19.59 -0.94
N ASP B 109 37.86 -19.90 -2.22
CA ASP B 109 37.13 -21.01 -2.83
C ASP B 109 37.50 -22.35 -2.19
N ASP B 110 38.71 -22.45 -1.63
CA ASP B 110 39.17 -23.66 -0.96
C ASP B 110 39.20 -23.47 0.55
N PHE B 111 38.23 -22.73 1.08
CA PHE B 111 38.18 -22.47 2.52
C PHE B 111 37.80 -23.75 3.27
N THR B 112 38.49 -23.99 4.38
CA THR B 112 38.21 -25.12 5.25
C THR B 112 37.84 -24.62 6.64
N GLY B 113 36.81 -25.21 7.21
CA GLY B 113 36.34 -24.82 8.53
C GLY B 113 34.82 -24.74 8.55
N CYS B 114 34.31 -24.06 9.57
CA CYS B 114 32.88 -23.89 9.76
C CYS B 114 32.57 -22.44 10.10
N VAL B 115 31.32 -22.05 9.84
CA VAL B 115 30.81 -20.74 10.22
C VAL B 115 29.59 -20.92 11.09
N ILE B 116 29.51 -20.14 12.17
CA ILE B 116 28.43 -20.26 13.15
C ILE B 116 27.76 -18.90 13.28
N ALA B 117 26.43 -18.88 13.14
CA ALA B 117 25.66 -17.66 13.24
C ALA B 117 24.42 -17.90 14.10
N TRP B 118 24.04 -16.91 14.89
CA TRP B 118 22.86 -17.00 15.73
C TRP B 118 22.33 -15.60 15.99
N ASN B 119 21.05 -15.54 16.36
CA ASN B 119 20.40 -14.26 16.60
C ASN B 119 20.97 -13.60 17.86
N SER B 120 21.10 -12.28 17.81
CA SER B 120 21.58 -11.49 18.94
C SER B 120 20.73 -10.24 19.11
N ASN B 121 19.41 -10.40 18.99
CA ASN B 121 18.51 -9.25 19.04
C ASN B 121 18.53 -8.58 20.41
N LYS B 122 18.52 -9.37 21.47
CA LYS B 122 18.38 -8.81 22.81
C LYS B 122 19.60 -7.96 23.20
N LEU B 123 20.80 -8.40 22.83
CA LEU B 123 22.00 -7.74 23.30
C LEU B 123 22.39 -6.55 22.43
N ASP B 124 22.38 -6.73 21.11
CA ASP B 124 22.96 -5.75 20.19
C ASP B 124 21.95 -4.73 19.68
N SER B 125 20.71 -4.75 20.15
CA SER B 125 19.68 -3.82 19.71
C SER B 125 19.28 -2.90 20.86
N THR B 126 19.07 -1.63 20.54
CA THR B 126 18.65 -0.64 21.52
C THR B 126 17.52 0.19 20.94
N VAL B 127 16.47 0.41 21.75
CA VAL B 127 15.39 1.28 21.32
C VAL B 127 15.93 2.69 21.12
N GLY B 128 15.63 3.28 19.97
CA GLY B 128 16.24 4.52 19.56
C GLY B 128 17.39 4.36 18.58
N GLY B 129 17.82 3.14 18.33
CA GLY B 129 18.82 2.86 17.32
C GLY B 129 20.18 2.55 17.92
N ASN B 130 20.89 1.62 17.29
CA ASN B 130 22.26 1.28 17.66
C ASN B 130 23.12 1.50 16.42
N TYR B 131 23.74 2.69 16.33
CA TYR B 131 24.53 3.07 15.18
C TYR B 131 26.02 2.87 15.40
N ASN B 132 26.40 2.10 16.43
CA ASN B 132 27.81 1.88 16.74
C ASN B 132 28.43 0.75 15.93
N TYR B 133 27.67 0.09 15.08
CA TYR B 133 28.18 -1.00 14.24
C TYR B 133 28.04 -0.57 12.78
N ARG B 134 29.16 -0.61 12.05
CA ARG B 134 29.22 -0.02 10.72
C ARG B 134 29.84 -1.00 9.72
N TYR B 135 29.41 -0.88 8.47
CA TYR B 135 29.95 -1.63 7.35
C TYR B 135 30.26 -0.67 6.20
N ARG B 136 30.75 -1.23 5.09
CA ARG B 136 31.18 -0.45 3.93
C ARG B 136 30.28 -0.74 2.75
N LEU B 137 30.00 0.29 1.96
CA LEU B 137 29.11 0.19 0.81
C LEU B 137 29.76 0.54 -0.52
N PHE B 138 30.72 1.48 -0.53
CA PHE B 138 31.39 1.88 -1.74
C PHE B 138 32.87 1.56 -1.63
N ARG B 139 33.45 1.06 -2.73
CA ARG B 139 34.87 0.78 -2.77
C ARG B 139 35.32 0.76 -4.22
N LYS B 140 36.51 1.33 -4.48
CA LYS B 140 36.99 1.46 -5.84
C LYS B 140 37.21 0.10 -6.50
N SER B 141 37.81 -0.83 -5.78
CA SER B 141 38.07 -2.17 -6.29
C SER B 141 37.46 -3.19 -5.34
N LYS B 142 37.62 -4.47 -5.67
CA LYS B 142 37.14 -5.54 -4.80
C LYS B 142 38.21 -5.85 -3.76
N LEU B 143 38.02 -6.91 -2.99
CA LEU B 143 38.88 -7.23 -1.87
C LEU B 143 39.42 -8.64 -2.00
N LYS B 144 40.73 -8.79 -1.81
CA LYS B 144 41.37 -10.09 -1.81
C LYS B 144 40.97 -10.86 -0.55
N PRO B 145 41.04 -12.20 -0.58
CA PRO B 145 40.66 -12.98 0.60
C PRO B 145 41.53 -12.65 1.81
N PHE B 146 40.89 -12.66 2.98
CA PHE B 146 41.56 -12.42 4.26
C PHE B 146 42.33 -11.11 4.28
N GLU B 147 41.73 -10.06 3.74
CA GLU B 147 42.30 -8.72 3.73
C GLU B 147 41.36 -7.75 4.42
N ARG B 148 41.92 -6.86 5.23
CA ARG B 148 41.14 -5.84 5.91
C ARG B 148 41.41 -4.47 5.29
N ASP B 149 40.52 -3.53 5.59
CA ASP B 149 40.66 -2.16 5.08
C ASP B 149 39.96 -1.23 6.06
N ILE B 150 40.75 -0.54 6.88
CA ILE B 150 40.24 0.44 7.82
C ILE B 150 40.38 1.86 7.26
N SER B 151 40.58 1.98 5.95
CA SER B 151 40.73 3.29 5.32
C SER B 151 39.42 4.07 5.41
N THR B 152 39.54 5.39 5.52
CA THR B 152 38.38 6.26 5.66
C THR B 152 38.45 7.46 4.73
N GLU B 153 39.16 7.34 3.61
CA GLU B 153 39.23 8.44 2.66
C GLU B 153 37.91 8.61 1.93
N ILE B 154 37.69 9.82 1.41
CA ILE B 154 36.46 10.13 0.71
C ILE B 154 36.42 9.39 -0.61
N TYR B 155 35.30 8.70 -0.87
CA TYR B 155 35.12 7.97 -2.11
C TYR B 155 34.65 8.91 -3.21
N GLN B 156 35.32 8.88 -4.35
CA GLN B 156 35.01 9.76 -5.47
C GLN B 156 34.16 9.00 -6.47
N ALA B 157 32.95 9.51 -6.72
CA ALA B 157 32.03 8.91 -7.67
C ALA B 157 31.94 9.69 -8.97
N GLY B 158 32.78 10.69 -9.16
CA GLY B 158 32.73 11.51 -10.35
C GLY B 158 34.07 11.69 -11.03
N ASN B 159 34.14 12.63 -11.97
CA ASN B 159 35.36 12.90 -12.73
C ASN B 159 36.08 14.15 -12.23
N LYS B 160 35.71 14.65 -11.06
CA LYS B 160 36.33 15.83 -10.49
C LYS B 160 37.00 15.49 -9.17
N PRO B 161 38.15 16.08 -8.86
CA PRO B 161 38.79 15.82 -7.57
C PRO B 161 37.94 16.35 -6.43
N CYS B 162 38.05 15.68 -5.28
CA CYS B 162 37.22 15.99 -4.14
C CYS B 162 37.99 16.64 -2.99
N ASN B 163 39.29 16.34 -2.86
CA ASN B 163 40.17 16.93 -1.86
C ASN B 163 39.74 16.60 -0.45
N GLY B 164 38.64 15.85 -0.31
CA GLY B 164 38.09 15.45 0.96
C GLY B 164 36.96 16.37 1.38
N VAL B 165 35.73 15.96 1.08
CA VAL B 165 34.53 16.69 1.49
C VAL B 165 33.34 15.79 1.19
N ALA B 166 32.25 15.96 1.91
CA ALA B 166 31.03 15.22 1.66
C ALA B 166 30.18 15.93 0.62
N GLY B 167 29.36 15.16 -0.09
CA GLY B 167 28.40 15.72 -1.02
C GLY B 167 28.94 16.08 -2.39
N VAL B 168 28.06 16.66 -3.21
CA VAL B 168 28.32 17.11 -4.58
C VAL B 168 28.53 15.93 -5.51
N ASN B 169 29.47 15.08 -5.16
CA ASN B 169 29.62 13.80 -5.92
C ASN B 169 30.53 12.94 -5.05
N CYS B 170 30.58 13.25 -3.76
CA CYS B 170 31.43 12.53 -2.81
C CYS B 170 30.59 12.00 -1.67
N TYR B 171 30.94 10.80 -1.19
CA TYR B 171 30.19 10.13 -0.13
C TYR B 171 31.15 9.52 0.88
N PHE B 172 30.66 9.38 2.11
CA PHE B 172 31.42 8.68 3.15
C PHE B 172 31.28 7.18 2.96
N PRO B 173 32.39 6.43 2.85
CA PRO B 173 32.27 5.02 2.47
C PRO B 173 31.54 4.14 3.47
N LEU B 174 31.66 4.40 4.77
CA LEU B 174 31.12 3.52 5.79
C LEU B 174 29.75 4.01 6.26
N GLN B 175 28.84 3.08 6.47
CA GLN B 175 27.46 3.38 6.86
C GLN B 175 27.12 2.64 8.15
N SER B 176 26.14 3.18 8.88
CA SER B 176 25.76 2.62 10.21
C SER B 176 24.48 1.80 10.15
N TYR B 177 24.55 0.63 10.75
CA TYR B 177 23.43 -0.32 10.70
C TYR B 177 22.16 0.26 11.31
N GLY B 178 22.27 0.93 12.45
CA GLY B 178 21.12 1.50 13.11
C GLY B 178 20.10 0.47 13.59
N PHE B 179 20.58 -0.58 14.26
CA PHE B 179 19.72 -1.66 14.68
C PHE B 179 18.67 -1.18 15.69
N ARG B 180 17.46 -1.73 15.57
CA ARG B 180 16.37 -1.46 16.50
C ARG B 180 15.68 -2.78 16.82
N PRO B 181 15.14 -2.91 18.04
CA PRO B 181 14.58 -4.22 18.45
C PRO B 181 13.30 -4.61 17.73
N THR B 182 12.62 -3.68 17.06
CA THR B 182 11.35 -3.97 16.42
C THR B 182 11.50 -4.39 14.96
N TYR B 183 12.72 -4.55 14.47
CA TYR B 183 12.96 -4.88 13.07
C TYR B 183 12.48 -6.30 12.78
N GLY B 184 12.57 -6.68 11.50
CA GLY B 184 12.23 -8.01 11.07
C GLY B 184 13.36 -9.00 11.31
N VAL B 185 13.09 -10.25 10.97
CA VAL B 185 14.07 -11.32 11.21
C VAL B 185 15.30 -11.16 10.33
N GLY B 186 15.17 -10.56 9.14
CA GLY B 186 16.31 -10.35 8.28
C GLY B 186 17.09 -9.09 8.54
N HIS B 187 16.50 -8.13 9.24
CA HIS B 187 17.17 -6.89 9.60
C HIS B 187 17.66 -6.87 11.04
N GLN B 188 17.50 -7.99 11.78
CA GLN B 188 17.95 -8.16 13.16
C GLN B 188 19.41 -8.59 13.21
N PRO B 189 20.14 -8.21 14.25
CA PRO B 189 21.56 -8.57 14.31
C PRO B 189 21.76 -10.08 14.45
N TYR B 190 22.83 -10.57 13.84
CA TYR B 190 23.20 -11.98 13.91
C TYR B 190 24.72 -12.06 14.06
N ARG B 191 25.20 -12.41 15.25
CA ARG B 191 26.63 -12.56 15.45
C ARG B 191 27.14 -13.76 14.68
N VAL B 192 28.31 -13.61 14.07
CA VAL B 192 28.90 -14.61 13.19
C VAL B 192 30.36 -14.80 13.58
N VAL B 193 30.78 -16.05 13.70
CA VAL B 193 32.17 -16.40 13.94
C VAL B 193 32.61 -17.40 12.88
N VAL B 194 33.82 -17.23 12.37
CA VAL B 194 34.37 -18.10 11.35
C VAL B 194 35.61 -18.78 11.91
N LEU B 195 35.73 -20.08 11.65
CA LEU B 195 36.88 -20.87 12.09
C LEU B 195 37.66 -21.32 10.86
N SER B 196 38.95 -21.01 10.83
CA SER B 196 39.83 -21.41 9.75
C SER B 196 40.94 -22.29 10.29
N PHE B 197 41.34 -23.28 9.49
CA PHE B 197 42.34 -24.26 9.90
C PHE B 197 43.51 -24.23 8.92
N GLU B 198 44.72 -24.30 9.46
CA GLU B 198 45.94 -24.31 8.67
C GLU B 198 46.84 -25.45 9.13
N LEU B 199 47.57 -26.02 8.18
CA LEU B 199 48.50 -27.13 8.44
C LEU B 199 49.83 -26.81 7.75
N LEU B 200 50.80 -26.36 8.53
CA LEU B 200 52.11 -26.01 8.02
C LEU B 200 53.08 -27.16 8.27
N HIS B 201 54.31 -27.02 7.75
CA HIS B 201 55.32 -28.05 7.92
C HIS B 201 55.74 -28.24 9.38
N ALA B 202 55.41 -27.31 10.27
CA ALA B 202 55.72 -27.47 11.68
C ALA B 202 54.90 -28.62 12.26
N PRO B 203 55.42 -29.30 13.28
CA PRO B 203 54.67 -30.41 13.88
C PRO B 203 53.34 -29.96 14.45
N ALA B 204 52.33 -30.80 14.31
CA ALA B 204 51.00 -30.48 14.78
C ALA B 204 50.93 -30.62 16.30
N THR B 205 50.35 -29.60 16.95
CA THR B 205 50.26 -29.59 18.41
C THR B 205 48.84 -29.32 18.86
N VAL B 206 48.08 -28.57 18.06
CA VAL B 206 46.74 -28.10 18.44
C VAL B 206 45.75 -29.22 18.16
N CYS B 207 45.50 -30.07 19.16
CA CYS B 207 44.48 -31.10 19.10
C CYS B 207 44.27 -31.68 20.49
N GLY B 208 43.03 -32.09 20.76
CA GLY B 208 42.67 -32.63 22.05
C GLY B 208 42.98 -34.11 22.16
N PRO B 209 42.52 -34.74 23.25
CA PRO B 209 42.71 -36.17 23.50
C PRO B 209 42.13 -37.04 22.39
C1 NAG C . 13.22 21.54 -11.64
C2 NAG C . 13.49 21.22 -13.10
C3 NAG C . 14.97 21.44 -13.43
C4 NAG C . 15.39 22.85 -13.02
C5 NAG C . 15.03 23.11 -11.55
C6 NAG C . 15.30 24.53 -11.13
C7 NAG C . 12.55 19.50 -14.58
C8 NAG C . 12.22 18.05 -14.75
N2 NAG C . 13.11 19.85 -13.43
O3 NAG C . 15.19 21.26 -14.82
O4 NAG C . 16.80 22.99 -13.17
O5 NAG C . 13.62 22.88 -11.36
O6 NAG C . 14.23 25.06 -10.35
O7 NAG C . 12.33 20.32 -15.48
C1 NAG C . 17.08 23.91 -14.25
C2 NAG C . 18.60 24.11 -14.33
C3 NAG C . 18.94 25.04 -15.50
C4 NAG C . 18.33 24.52 -16.79
C5 NAG C . 16.83 24.30 -16.60
C6 NAG C . 16.16 23.68 -17.82
C7 NAG C . 18.79 25.80 -12.53
C8 NAG C . 19.47 26.14 -11.24
N2 NAG C . 19.13 24.63 -13.08
O3 NAG C . 20.36 25.12 -15.64
O4 NAG C . 18.53 25.46 -17.84
O5 NAG C . 16.59 23.41 -15.51
O6 NAG C . 16.63 24.26 -19.02
O7 NAG C . 17.97 26.55 -13.04
C1 NAG D . -9.11 -27.11 2.37
C2 NAG D . -10.57 -27.07 2.81
C3 NAG D . -10.70 -27.49 4.27
C4 NAG D . -10.03 -28.85 4.50
C5 NAG D . -8.59 -28.81 3.99
C6 NAG D . -7.90 -30.15 4.07
C7 NAG D . -12.14 -25.49 1.76
C8 NAG D . -12.68 -26.66 1.01
N2 NAG D . -11.14 -25.74 2.61
O3 NAG D . -12.08 -27.56 4.62
O4 NAG D . -10.03 -29.16 5.89
O5 NAG D . -8.57 -28.42 2.61
O6 NAG D . -8.62 -31.15 3.35
O7 NAG D . -12.59 -24.36 1.62
C1 NAG D . -10.88 -30.30 6.11
C2 NAG D . -10.83 -30.64 7.60
C3 NAG D . -11.76 -31.82 7.90
C4 NAG D . -13.16 -31.55 7.37
C5 NAG D . -13.11 -31.17 5.89
C6 NAG D . -14.45 -30.78 5.33
C7 NAG D . -8.77 -30.10 8.81
C8 NAG D . -9.46 -28.84 9.23
N2 NAG D . -9.48 -30.93 8.04
O3 NAG D . -11.81 -32.05 9.29
O4 NAG D . -13.97 -32.71 7.53
O5 NAG D . -12.23 -30.05 5.70
O6 NAG D . -15.18 -31.91 4.88
O7 NAG D . -7.62 -30.37 9.17
C1 FUC D . -7.67 -32.04 2.73
C2 FUC D . -8.42 -33.35 2.39
C3 FUC D . -9.47 -33.10 1.30
C4 FUC D . -8.81 -32.46 0.07
C5 FUC D . -8.04 -31.20 0.48
C6 FUC D . -7.20 -30.62 -0.66
O2 FUC D . -9.01 -33.95 3.54
O3 FUC D . -10.05 -34.33 0.90
O4 FUC D . -7.93 -33.39 -0.55
O5 FUC D . -7.12 -31.46 1.56
C1 NAG E . 1.30 5.32 26.39
C2 NAG E . 2.14 6.15 27.37
C3 NAG E . 2.52 5.31 28.57
C4 NAG E . 1.28 4.69 29.20
C5 NAG E . 0.47 3.93 28.16
C6 NAG E . -0.84 3.42 28.70
C7 NAG E . 3.63 8.00 26.76
C8 NAG E . 4.88 8.40 26.04
N2 NAG E . 3.32 6.70 26.71
O3 NAG E . 3.21 6.12 29.51
O4 NAG E . 1.67 3.79 30.24
O5 NAG E . 0.14 4.81 27.05
O6 NAG E . -1.11 3.92 30.01
O7 NAG E . 2.93 8.81 27.35
C1 NAG F . 20.13 -2.36 -14.24
C2 NAG F . 20.82 -3.48 -15.04
C3 NAG F . 20.92 -4.75 -14.20
C4 NAG F . 21.59 -4.45 -12.86
C5 NAG F . 20.88 -3.30 -12.16
C6 NAG F . 21.56 -2.88 -10.88
C7 NAG F . 20.68 -4.24 -17.37
C8 NAG F . 19.79 -4.46 -18.56
N2 NAG F . 20.10 -3.75 -16.28
O3 NAG F . 21.65 -5.74 -14.90
O4 NAG F . 21.56 -5.61 -12.04
O5 NAG F . 20.84 -2.15 -13.00
O6 NAG F . 22.41 -3.91 -10.38
O7 NAG F . 21.88 -4.50 -17.41
C1 NAG G . 2.93 -21.34 9.25
C2 NAG G . 3.90 -22.44 8.80
C3 NAG G . 3.34 -23.82 9.13
C4 NAG G . 2.95 -23.90 10.60
C5 NAG G . 2.02 -22.75 10.98
C6 NAG G . 1.71 -22.70 12.45
C7 NAG G . 5.44 -22.18 6.91
C8 NAG G . 5.57 -22.07 5.42
N2 NAG G . 4.21 -22.32 7.39
O3 NAG G . 4.30 -24.81 8.82
O4 NAG G . 2.30 -25.14 10.87
O5 NAG G . 2.63 -21.50 10.64
O6 NAG G . 2.69 -21.98 13.17
O7 NAG G . 6.42 -22.11 7.66
C1 NAG H . -35.41 -19.90 -8.62
C2 NAG H . -35.99 -19.07 -9.77
C3 NAG H . -37.47 -19.38 -9.97
C4 NAG H . -37.67 -20.88 -10.15
C5 NAG H . -37.04 -21.64 -8.99
C6 NAG H . -37.09 -23.14 -9.16
C7 NAG H . -36.28 -16.96 -8.51
C8 NAG H . -35.94 -15.50 -8.48
N2 NAG H . -35.78 -17.65 -9.55
O3 NAG H . -37.94 -18.69 -11.12
O4 NAG H . -39.06 -21.18 -10.21
O5 NAG H . -35.64 -21.29 -8.88
O6 NAG H . -38.29 -23.54 -9.83
O7 NAG H . -36.97 -17.48 -7.65
ZN ZN I . -7.59 -1.42 1.59
C1 NAG J . 28.61 -16.73 29.07
C2 NAG J . 28.39 -18.11 29.68
C3 NAG J . 27.27 -18.07 30.71
C4 NAG J . 27.53 -16.99 31.75
C5 NAG J . 27.79 -15.65 31.06
C6 NAG J . 28.19 -14.56 32.03
C7 NAG J . 28.77 -20.27 28.56
C8 NAG J . 28.34 -21.17 27.44
N2 NAG J . 28.11 -19.10 28.66
O3 NAG J . 27.17 -19.34 31.35
O4 NAG J . 26.41 -16.87 32.62
O5 NAG J . 28.87 -15.78 30.11
O6 NAG J . 29.12 -15.03 33.00
O7 NAG J . 29.64 -20.59 29.37
#